data_5T4W
# 
_entry.id   5T4W 
# 
_audit_conform.dict_name       mmcif_pdbx.dic 
_audit_conform.dict_version    5.383 
_audit_conform.dict_location   http://mmcif.pdb.org/dictionaries/ascii/mmcif_pdbx.dic 
# 
loop_
_database_2.database_id 
_database_2.database_code 
_database_2.pdbx_database_accession 
_database_2.pdbx_DOI 
PDB   5T4W         pdb_00005t4w 10.2210/pdb5t4w/pdb 
WWPDB D_1000223710 ?            ?                   
# 
loop_
_pdbx_audit_revision_history.ordinal 
_pdbx_audit_revision_history.data_content_type 
_pdbx_audit_revision_history.major_revision 
_pdbx_audit_revision_history.minor_revision 
_pdbx_audit_revision_history.revision_date 
1 'Structure model' 1 0 2017-08-23 
2 'Structure model' 1 1 2017-09-20 
3 'Structure model' 1 2 2019-10-16 
4 'Structure model' 1 3 2024-01-17 
# 
_pdbx_audit_revision_details.ordinal             1 
_pdbx_audit_revision_details.revision_ordinal    1 
_pdbx_audit_revision_details.data_content_type   'Structure model' 
_pdbx_audit_revision_details.provider            repository 
_pdbx_audit_revision_details.type                'Initial release' 
_pdbx_audit_revision_details.description         ? 
_pdbx_audit_revision_details.details             ? 
# 
loop_
_pdbx_audit_revision_group.ordinal 
_pdbx_audit_revision_group.revision_ordinal 
_pdbx_audit_revision_group.data_content_type 
_pdbx_audit_revision_group.group 
1 2 'Structure model' 'Database references'    
2 3 'Structure model' 'Data collection'        
3 4 'Structure model' 'Data collection'        
4 4 'Structure model' 'Database references'    
5 4 'Structure model' 'Refinement description' 
# 
loop_
_pdbx_audit_revision_category.ordinal 
_pdbx_audit_revision_category.revision_ordinal 
_pdbx_audit_revision_category.data_content_type 
_pdbx_audit_revision_category.category 
1 2 'Structure model' citation                      
2 2 'Structure model' citation_author               
3 3 'Structure model' reflns_shell                  
4 4 'Structure model' chem_comp_atom                
5 4 'Structure model' chem_comp_bond                
6 4 'Structure model' database_2                    
7 4 'Structure model' pdbx_initial_refinement_model 
# 
loop_
_pdbx_audit_revision_item.ordinal 
_pdbx_audit_revision_item.revision_ordinal 
_pdbx_audit_revision_item.data_content_type 
_pdbx_audit_revision_item.item 
1 2 'Structure model' '_citation.journal_abbrev'            
2 2 'Structure model' '_citation.page_first'                
3 2 'Structure model' '_citation.page_last'                 
4 2 'Structure model' '_citation.pdbx_database_id_PubMed'   
5 2 'Structure model' '_citation.title'                     
6 2 'Structure model' '_citation_author.name'               
7 4 'Structure model' '_database_2.pdbx_DOI'                
8 4 'Structure model' '_database_2.pdbx_database_accession' 
# 
_pdbx_database_status.status_code                     REL 
_pdbx_database_status.status_code_sf                  REL 
_pdbx_database_status.status_code_mr                  ? 
_pdbx_database_status.entry_id                        5T4W 
_pdbx_database_status.recvd_initial_deposition_date   2016-08-30 
_pdbx_database_status.SG_entry                        N 
_pdbx_database_status.deposit_site                    PDBE 
_pdbx_database_status.process_site                    PDBE 
_pdbx_database_status.status_code_cs                  ? 
_pdbx_database_status.methods_development_category    ? 
_pdbx_database_status.pdb_format_compatible           Y 
_pdbx_database_status.status_code_nmr_data            ? 
# 
loop_
_audit_author.name 
_audit_author.pdbx_ordinal 
_audit_author.identifier_ORCID 
'Sbirkova, H.'   1 ? 
'Schivachev, B.' 2 ? 
# 
_citation.abstract                  ? 
_citation.abstract_id_CAS           ? 
_citation.book_id_ISBN              ? 
_citation.book_publisher            ? 
_citation.book_publisher_city       ? 
_citation.book_title                ? 
_citation.coordinate_linkage        ? 
_citation.country                   US 
_citation.database_id_Medline       ? 
_citation.details                   ? 
_citation.id                        primary 
_citation.journal_abbrev            'Acta Crystallogr F Struct Biol Commun' 
_citation.journal_id_ASTM           ACSFEN 
_citation.journal_id_CSD            ? 
_citation.journal_id_ISSN           2053-230X 
_citation.journal_full              ? 
_citation.journal_issue             ? 
_citation.journal_volume            73 
_citation.language                  ? 
_citation.page_first                500 
_citation.page_last                 504 
_citation.title                     'Crystal structure of the DNA sequence d(CGTGAATTCACG)2 with DAPI.' 
_citation.year                      2017 
_citation.database_id_CSD           ? 
_citation.pdbx_database_id_DOI      10.1107/S2053230X17011384 
_citation.pdbx_database_id_PubMed   28876227 
_citation.unpublished_flag          ? 
# 
loop_
_citation_author.citation_id 
_citation_author.name 
_citation_author.ordinal 
_citation_author.identifier_ORCID 
primary 'Sbirkova-Dimitrova, H.I.' 1 ? 
primary 'Shivachev, B.'            2 ? 
# 
loop_
_entity.id 
_entity.type 
_entity.src_method 
_entity.pdbx_description 
_entity.formula_weight 
_entity.pdbx_number_of_molecules 
_entity.pdbx_ec 
_entity.pdbx_mutation 
_entity.pdbx_fragment 
_entity.details 
1 polymer     syn 
;DNA (5'-D(*CP*GP*TP*GP*AP*AP*TP*TP*CP*AP*CP*G)-3')
;
3662.404 2 ? ? ? ? 
2 non-polymer syn '6-AMIDINE-2-(4-AMIDINO-PHENYL)INDOLE'               277.324  1 ? ? ? ? 
3 water       nat water                                                18.015   2 ? ? ? ? 
# 
_entity_poly.entity_id                      1 
_entity_poly.type                           polydeoxyribonucleotide 
_entity_poly.nstd_linkage                   no 
_entity_poly.nstd_monomer                   no 
_entity_poly.pdbx_seq_one_letter_code       '(DC)(DG)(DT)(DG)(DA)(DA)(DT)(DT)(DC)(DA)(DC)(DG)' 
_entity_poly.pdbx_seq_one_letter_code_can   CGTGAATTCACG 
_entity_poly.pdbx_strand_id                 A,B 
_entity_poly.pdbx_target_identifier         ? 
# 
loop_
_pdbx_entity_nonpoly.entity_id 
_pdbx_entity_nonpoly.name 
_pdbx_entity_nonpoly.comp_id 
2 '6-AMIDINE-2-(4-AMIDINO-PHENYL)INDOLE' DAP 
3 water                                  HOH 
# 
loop_
_entity_poly_seq.entity_id 
_entity_poly_seq.num 
_entity_poly_seq.mon_id 
_entity_poly_seq.hetero 
1 1  DC n 
1 2  DG n 
1 3  DT n 
1 4  DG n 
1 5  DA n 
1 6  DA n 
1 7  DT n 
1 8  DT n 
1 9  DC n 
1 10 DA n 
1 11 DC n 
1 12 DG n 
# 
_pdbx_entity_src_syn.entity_id              1 
_pdbx_entity_src_syn.pdbx_src_id            1 
_pdbx_entity_src_syn.pdbx_alt_source_flag   sample 
_pdbx_entity_src_syn.pdbx_beg_seq_num       1 
_pdbx_entity_src_syn.pdbx_end_seq_num       12 
_pdbx_entity_src_syn.organism_scientific    'Homo sapiens' 
_pdbx_entity_src_syn.organism_common_name   human 
_pdbx_entity_src_syn.ncbi_taxonomy_id       9606 
_pdbx_entity_src_syn.details                ? 
# 
loop_
_chem_comp.id 
_chem_comp.type 
_chem_comp.mon_nstd_flag 
_chem_comp.name 
_chem_comp.pdbx_synonyms 
_chem_comp.formula 
_chem_comp.formula_weight 
DA  'DNA linking' y "2'-DEOXYADENOSINE-5'-MONOPHOSPHATE"   ? 'C10 H14 N5 O6 P' 331.222 
DAP non-polymer   . '6-AMIDINE-2-(4-AMIDINO-PHENYL)INDOLE' ? 'C16 H15 N5'      277.324 
DC  'DNA linking' y "2'-DEOXYCYTIDINE-5'-MONOPHOSPHATE"    ? 'C9 H14 N3 O7 P'  307.197 
DG  'DNA linking' y "2'-DEOXYGUANOSINE-5'-MONOPHOSPHATE"   ? 'C10 H14 N5 O7 P' 347.221 
DT  'DNA linking' y "THYMIDINE-5'-MONOPHOSPHATE"           ? 'C10 H15 N2 O8 P' 322.208 
HOH non-polymer   . WATER                                  ? 'H2 O'            18.015  
# 
loop_
_pdbx_poly_seq_scheme.asym_id 
_pdbx_poly_seq_scheme.entity_id 
_pdbx_poly_seq_scheme.seq_id 
_pdbx_poly_seq_scheme.mon_id 
_pdbx_poly_seq_scheme.ndb_seq_num 
_pdbx_poly_seq_scheme.pdb_seq_num 
_pdbx_poly_seq_scheme.auth_seq_num 
_pdbx_poly_seq_scheme.pdb_mon_id 
_pdbx_poly_seq_scheme.auth_mon_id 
_pdbx_poly_seq_scheme.pdb_strand_id 
_pdbx_poly_seq_scheme.pdb_ins_code 
_pdbx_poly_seq_scheme.hetero 
A 1 1  DC 1  1  1  DC DC A . n 
A 1 2  DG 2  2  2  DG DG A . n 
A 1 3  DT 3  3  3  DT DT A . n 
A 1 4  DG 4  4  4  DG DG A . n 
A 1 5  DA 5  5  5  DA DA A . n 
A 1 6  DA 6  6  6  DA DA A . n 
A 1 7  DT 7  7  7  DT DT A . n 
A 1 8  DT 8  8  8  DT DT A . n 
A 1 9  DC 9  9  9  DC DC A . n 
A 1 10 DA 10 10 10 DA DA A . n 
A 1 11 DC 11 11 11 DC DC A . n 
A 1 12 DG 12 12 12 DG DG A . n 
B 1 1  DC 1  13 13 DC DC B . n 
B 1 2  DG 2  14 14 DG DG B . n 
B 1 3  DT 3  15 15 DT DT B . n 
B 1 4  DG 4  16 16 DG DG B . n 
B 1 5  DA 5  17 17 DA DA B . n 
B 1 6  DA 6  18 18 DA DA B . n 
B 1 7  DT 7  19 19 DT DT B . n 
B 1 8  DT 8  20 20 DT DT B . n 
B 1 9  DC 9  21 21 DC DC B . n 
B 1 10 DA 10 22 22 DA DA B . n 
B 1 11 DC 11 23 23 DC DC B . n 
B 1 12 DG 12 24 24 DG DG B . n 
# 
loop_
_pdbx_nonpoly_scheme.asym_id 
_pdbx_nonpoly_scheme.entity_id 
_pdbx_nonpoly_scheme.mon_id 
_pdbx_nonpoly_scheme.ndb_seq_num 
_pdbx_nonpoly_scheme.pdb_seq_num 
_pdbx_nonpoly_scheme.auth_seq_num 
_pdbx_nonpoly_scheme.pdb_mon_id 
_pdbx_nonpoly_scheme.auth_mon_id 
_pdbx_nonpoly_scheme.pdb_strand_id 
_pdbx_nonpoly_scheme.pdb_ins_code 
C 2 DAP 1 101 1 DAP DAP A . 
D 3 HOH 1 201 1 HOH HOH A . 
D 3 HOH 2 202 3 HOH HOH A . 
# 
loop_
_software.citation_id 
_software.classification 
_software.compiler_name 
_software.compiler_version 
_software.contact_author 
_software.contact_author_email 
_software.date 
_software.description 
_software.dependencies 
_software.hardware 
_software.language 
_software.location 
_software.mods 
_software.name 
_software.os 
_software.os_version 
_software.type 
_software.version 
_software.pdbx_ordinal 
? refinement        ? ? ? ? ? ? ? ? ? ? ? REFMAC      ? ? ? 5.8.0135 1 
? 'data reduction'  ? ? ? ? ? ? ? ? ? ? ? CrysalisPro ? ? ? .        2 
? 'data collection' ? ? ? ? ? ? ? ? ? ? ? CrysalisPro ? ? ? .        3 
? phasing           ? ? ? ? ? ? ? ? ? ? ? PHASER      ? ? ? .        4 
? 'data scaling'    ? ? ? ? ? ? ? ? ? ? ? CrysalisPro ? ? ? .        5 
# 
_cell.entry_id           5T4W 
_cell.length_a           24.503 
_cell.length_b           41.090 
_cell.length_c           65.184 
_cell.angle_alpha        90.00 
_cell.angle_beta         90.00 
_cell.angle_gamma        90.00 
_cell.Z_PDB              8 
_cell.pdbx_unique_axis   ? 
# 
_symmetry.entry_id                         5T4W 
_symmetry.space_group_name_H-M             'P 21 21 21' 
_symmetry.pdbx_full_space_group_name_H-M   ? 
_symmetry.cell_setting                     ? 
_symmetry.Int_Tables_number                19 
# 
_exptl.absorpt_coefficient_mu     ? 
_exptl.absorpt_correction_T_max   ? 
_exptl.absorpt_correction_T_min   ? 
_exptl.absorpt_correction_type    ? 
_exptl.absorpt_process_details    ? 
_exptl.entry_id                   5T4W 
_exptl.crystals_number            1 
_exptl.details                    ? 
_exptl.method                     'X-RAY DIFFRACTION' 
_exptl.method_details             ? 
# 
_exptl_crystal.colour                      ? 
_exptl_crystal.density_diffrn              ? 
_exptl_crystal.density_Matthews            2.24 
_exptl_crystal.density_method              ? 
_exptl_crystal.density_percent_sol         45.09 
_exptl_crystal.description                 ? 
_exptl_crystal.F_000                       ? 
_exptl_crystal.id                          1 
_exptl_crystal.preparation                 ? 
_exptl_crystal.size_max                    ? 
_exptl_crystal.size_mid                    ? 
_exptl_crystal.size_min                    ? 
_exptl_crystal.size_rad                    ? 
_exptl_crystal.colour_lustre               ? 
_exptl_crystal.colour_modifier             ? 
_exptl_crystal.colour_primary              ? 
_exptl_crystal.density_meas                ? 
_exptl_crystal.density_meas_esd            ? 
_exptl_crystal.density_meas_gt             ? 
_exptl_crystal.density_meas_lt             ? 
_exptl_crystal.density_meas_temp           ? 
_exptl_crystal.density_meas_temp_esd       ? 
_exptl_crystal.density_meas_temp_gt        ? 
_exptl_crystal.density_meas_temp_lt        ? 
_exptl_crystal.pdbx_crystal_image_url      ? 
_exptl_crystal.pdbx_crystal_image_format   ? 
_exptl_crystal.pdbx_mosaicity              ? 
_exptl_crystal.pdbx_mosaicity_esd          ? 
# 
_exptl_crystal_grow.apparatus       ? 
_exptl_crystal_grow.atmosphere      ? 
_exptl_crystal_grow.crystal_id      1 
_exptl_crystal_grow.details         ? 
_exptl_crystal_grow.method          'VAPOR DIFFUSION, HANGING DROP' 
_exptl_crystal_grow.method_ref      ? 
_exptl_crystal_grow.pH              ? 
_exptl_crystal_grow.pressure        ? 
_exptl_crystal_grow.pressure_esd    ? 
_exptl_crystal_grow.seeding         ? 
_exptl_crystal_grow.seeding_ref     ? 
_exptl_crystal_grow.temp            293 
_exptl_crystal_grow.temp_details    ? 
_exptl_crystal_grow.temp_esd        ? 
_exptl_crystal_grow.time            ? 
_exptl_crystal_grow.pdbx_details    '60mM NaCaCo, 17mM MgCl2, 2mM Spermine, 50%MPD, 1.5 mM DAPI' 
_exptl_crystal_grow.pdbx_pH_range   ? 
# 
_diffrn.ambient_environment    ? 
_diffrn.ambient_temp           150 
_diffrn.ambient_temp_details   ? 
_diffrn.ambient_temp_esd       ? 
_diffrn.crystal_id             1 
_diffrn.crystal_support        ? 
_diffrn.crystal_treatment      ? 
_diffrn.details                ? 
_diffrn.id                     1 
_diffrn.ambient_pressure       ? 
_diffrn.ambient_pressure_esd   ? 
_diffrn.ambient_pressure_gt    ? 
_diffrn.ambient_pressure_lt    ? 
_diffrn.ambient_temp_gt        ? 
_diffrn.ambient_temp_lt        ? 
# 
_diffrn_detector.details                      ? 
_diffrn_detector.detector                     CCD 
_diffrn_detector.diffrn_id                    1 
_diffrn_detector.type                         'AGILENT ATLAS CCD' 
_diffrn_detector.area_resol_mean              ? 
_diffrn_detector.dtime                        ? 
_diffrn_detector.pdbx_frames_total            ? 
_diffrn_detector.pdbx_collection_time_total   ? 
_diffrn_detector.pdbx_collection_date         2016-04-20 
# 
_diffrn_radiation.collimation                      ? 
_diffrn_radiation.diffrn_id                        1 
_diffrn_radiation.filter_edge                      ? 
_diffrn_radiation.inhomogeneity                    ? 
_diffrn_radiation.monochromator                    ? 
_diffrn_radiation.polarisn_norm                    ? 
_diffrn_radiation.polarisn_ratio                   ? 
_diffrn_radiation.probe                            ? 
_diffrn_radiation.type                             ? 
_diffrn_radiation.xray_symbol                      ? 
_diffrn_radiation.wavelength_id                    1 
_diffrn_radiation.pdbx_monochromatic_or_laue_m_l   M 
_diffrn_radiation.pdbx_wavelength_list             ? 
_diffrn_radiation.pdbx_wavelength                  ? 
_diffrn_radiation.pdbx_diffrn_protocol             'SINGLE WAVELENGTH' 
_diffrn_radiation.pdbx_analyzer                    ? 
_diffrn_radiation.pdbx_scattering_type             x-ray 
# 
_diffrn_radiation_wavelength.id           1 
_diffrn_radiation_wavelength.wavelength   1.54 
_diffrn_radiation_wavelength.wt           1.0 
# 
_diffrn_source.current                     ? 
_diffrn_source.details                     ? 
_diffrn_source.diffrn_id                   1 
_diffrn_source.power                       ? 
_diffrn_source.size                        ? 
_diffrn_source.source                      'SEALED TUBE' 
_diffrn_source.target                      ? 
_diffrn_source.type                        'OXFORD DIFFRACTION ENHANCE ULTRA' 
_diffrn_source.voltage                     ? 
_diffrn_source.take-off_angle              ? 
_diffrn_source.pdbx_wavelength_list        1.54 
_diffrn_source.pdbx_wavelength             ? 
_diffrn_source.pdbx_synchrotron_beamline   ? 
_diffrn_source.pdbx_synchrotron_site       ? 
# 
_reflns.B_iso_Wilson_estimate            ? 
_reflns.entry_id                         5T4W 
_reflns.data_reduction_details           ? 
_reflns.data_reduction_method            ? 
_reflns.d_resolution_high                2.2 
_reflns.d_resolution_low                 34.76 
_reflns.details                          ? 
_reflns.limit_h_max                      ? 
_reflns.limit_h_min                      ? 
_reflns.limit_k_max                      ? 
_reflns.limit_k_min                      ? 
_reflns.limit_l_max                      ? 
_reflns.limit_l_min                      ? 
_reflns.number_all                       ? 
_reflns.number_obs                       2915 
_reflns.observed_criterion               ? 
_reflns.observed_criterion_F_max         ? 
_reflns.observed_criterion_F_min         ? 
_reflns.observed_criterion_I_max         ? 
_reflns.observed_criterion_I_min         ? 
_reflns.observed_criterion_sigma_F       ? 
_reflns.observed_criterion_sigma_I       ? 
_reflns.percent_possible_obs             90 
_reflns.R_free_details                   ? 
_reflns.Rmerge_F_all                     ? 
_reflns.Rmerge_F_obs                     ? 
_reflns.Friedel_coverage                 ? 
_reflns.number_gt                        ? 
_reflns.threshold_expression             ? 
_reflns.pdbx_redundancy                  4 
_reflns.pdbx_Rmerge_I_obs                0.08 
_reflns.pdbx_Rmerge_I_all                ? 
_reflns.pdbx_Rsym_value                  ? 
_reflns.pdbx_netI_over_av_sigmaI         ? 
_reflns.pdbx_netI_over_sigmaI            2.88 
_reflns.pdbx_res_netI_over_av_sigmaI_2   ? 
_reflns.pdbx_res_netI_over_sigmaI_2      ? 
_reflns.pdbx_chi_squared                 ? 
_reflns.pdbx_scaling_rejects             ? 
_reflns.pdbx_d_res_high_opt              ? 
_reflns.pdbx_d_res_low_opt               ? 
_reflns.pdbx_d_res_opt_method            ? 
_reflns.phase_calculation_details        ? 
_reflns.pdbx_Rrim_I_all                  ? 
_reflns.pdbx_Rpim_I_all                  ? 
_reflns.pdbx_d_opt                       ? 
_reflns.pdbx_number_measured_all         ? 
_reflns.pdbx_diffrn_id                   1 
_reflns.pdbx_ordinal                     1 
_reflns.pdbx_CC_half                     ? 
_reflns.pdbx_R_split                     ? 
# 
_refine.pdbx_refine_id                           'X-RAY DIFFRACTION' 
_refine.entry_id                                 5T4W 
_refine.pdbx_diffrn_id                           1 
_refine.pdbx_TLS_residual_ADP_flag               ? 
_refine.ls_number_reflns_obs                     2600 
_refine.ls_number_reflns_all                     ? 
_refine.pdbx_ls_sigma_I                          ? 
_refine.pdbx_ls_sigma_F                          ? 
_refine.pdbx_data_cutoff_high_absF               ? 
_refine.pdbx_data_cutoff_low_absF                ? 
_refine.pdbx_data_cutoff_high_rms_absF           ? 
_refine.ls_d_res_low                             34.76 
_refine.ls_d_res_high                            2.30 
_refine.ls_percent_reflns_obs                    90.12 
_refine.ls_R_factor_obs                          0.22030 
_refine.ls_R_factor_all                          ? 
_refine.ls_R_factor_R_work                       0.21597 
_refine.ls_R_factor_R_free                       0.25839 
_refine.ls_R_factor_R_free_error                 ? 
_refine.ls_R_factor_R_free_error_details         ? 
_refine.ls_percent_reflns_R_free                 10.1 
_refine.ls_number_reflns_R_free                  291 
_refine.ls_number_parameters                     ? 
_refine.ls_number_restraints                     ? 
_refine.occupancy_min                            ? 
_refine.occupancy_max                            ? 
_refine.correlation_coeff_Fo_to_Fc               0.948 
_refine.correlation_coeff_Fo_to_Fc_free          0.906 
_refine.B_iso_mean                               38.036 
_refine.aniso_B[1][1]                            0.09 
_refine.aniso_B[2][2]                            -0.07 
_refine.aniso_B[3][3]                            -0.02 
_refine.aniso_B[1][2]                            0.00 
_refine.aniso_B[1][3]                            -0.00 
_refine.aniso_B[2][3]                            0.00 
_refine.solvent_model_details                    MASK 
_refine.solvent_model_param_ksol                 ? 
_refine.solvent_model_param_bsol                 ? 
_refine.pdbx_solvent_vdw_probe_radii             1.20 
_refine.pdbx_solvent_ion_probe_radii             0.80 
_refine.pdbx_solvent_shrinkage_radii             0.80 
_refine.pdbx_ls_cross_valid_method               THROUGHOUT 
_refine.details                                  'HYDROGENS HAVE BEEN ADDED IN THE RIDING POSITIONS' 
_refine.pdbx_starting_model                      5JU4 
_refine.pdbx_method_to_determine_struct          'MOLECULAR REPLACEMENT' 
_refine.pdbx_isotropic_thermal_model             ? 
_refine.pdbx_stereochemistry_target_values       'MAXIMUM LIKELIHOOD' 
_refine.pdbx_stereochem_target_val_spec_case     ? 
_refine.pdbx_R_Free_selection_details            RANDOM 
_refine.pdbx_overall_ESU_R                       0.506 
_refine.pdbx_overall_ESU_R_Free                  0.282 
_refine.overall_SU_ML                            0.229 
_refine.pdbx_overall_phase_error                 ? 
_refine.overall_SU_B                             9.995 
_refine.overall_SU_R_Cruickshank_DPI             ? 
_refine.pdbx_overall_SU_R_free_Cruickshank_DPI   ? 
_refine.pdbx_overall_SU_R_Blow_DPI               ? 
_refine.pdbx_overall_SU_R_free_Blow_DPI          ? 
# 
_refine_hist.pdbx_refine_id                   'X-RAY DIFFRACTION' 
_refine_hist.cycle_id                         1 
_refine_hist.pdbx_number_atoms_protein        0 
_refine_hist.pdbx_number_atoms_nucleic_acid   486 
_refine_hist.pdbx_number_atoms_ligand         21 
_refine_hist.number_atoms_solvent             2 
_refine_hist.number_atoms_total               509 
_refine_hist.d_res_high                       2.30 
_refine_hist.d_res_low                        34.76 
# 
loop_
_refine_ls_restr.type 
_refine_ls_restr.dev_ideal 
_refine_ls_restr.dev_ideal_target 
_refine_ls_restr.weight 
_refine_ls_restr.number 
_refine_ls_restr.pdbx_refine_id 
_refine_ls_restr.pdbx_restraint_function 
r_bond_refined_d             0.008 0.011  ? 567 'X-RAY DIFFRACTION' ? 
r_bond_other_d               0.003 0.020  ? 287 'X-RAY DIFFRACTION' ? 
r_angle_refined_deg          1.559 1.206  ? 869 'X-RAY DIFFRACTION' ? 
r_angle_other_deg            1.854 3.000  ? 670 'X-RAY DIFFRACTION' ? 
r_dihedral_angle_1_deg       ?     ?      ? ?   'X-RAY DIFFRACTION' ? 
r_dihedral_angle_2_deg       ?     ?      ? ?   'X-RAY DIFFRACTION' ? 
r_dihedral_angle_3_deg       ?     ?      ? ?   'X-RAY DIFFRACTION' ? 
r_dihedral_angle_4_deg       ?     ?      ? ?   'X-RAY DIFFRACTION' ? 
r_chiral_restr               0.074 0.200  ? 72  'X-RAY DIFFRACTION' ? 
r_gen_planes_refined         0.011 0.020  ? 315 'X-RAY DIFFRACTION' ? 
r_gen_planes_other           0.002 0.020  ? 135 'X-RAY DIFFRACTION' ? 
r_nbd_refined                ?     ?      ? ?   'X-RAY DIFFRACTION' ? 
r_nbd_other                  ?     ?      ? ?   'X-RAY DIFFRACTION' ? 
r_nbtor_refined              ?     ?      ? ?   'X-RAY DIFFRACTION' ? 
r_nbtor_other                ?     ?      ? ?   'X-RAY DIFFRACTION' ? 
r_xyhbond_nbd_refined        ?     ?      ? ?   'X-RAY DIFFRACTION' ? 
r_xyhbond_nbd_other          ?     ?      ? ?   'X-RAY DIFFRACTION' ? 
r_metal_ion_refined          ?     ?      ? ?   'X-RAY DIFFRACTION' ? 
r_metal_ion_other            ?     ?      ? ?   'X-RAY DIFFRACTION' ? 
r_symmetry_vdw_refined       ?     ?      ? ?   'X-RAY DIFFRACTION' ? 
r_symmetry_vdw_other         ?     ?      ? ?   'X-RAY DIFFRACTION' ? 
r_symmetry_hbond_refined     ?     ?      ? ?   'X-RAY DIFFRACTION' ? 
r_symmetry_hbond_other       ?     ?      ? ?   'X-RAY DIFFRACTION' ? 
r_symmetry_metal_ion_refined ?     ?      ? ?   'X-RAY DIFFRACTION' ? 
r_symmetry_metal_ion_other   ?     ?      ? ?   'X-RAY DIFFRACTION' ? 
r_mcbond_it                  ?     ?      ? ?   'X-RAY DIFFRACTION' ? 
r_mcbond_other               ?     ?      ? ?   'X-RAY DIFFRACTION' ? 
r_mcangle_it                 ?     ?      ? ?   'X-RAY DIFFRACTION' ? 
r_mcangle_other              ?     ?      ? ?   'X-RAY DIFFRACTION' ? 
r_scbond_it                  3.106 3.905  ? 567 'X-RAY DIFFRACTION' ? 
r_scbond_other               3.104 3.906  ? 568 'X-RAY DIFFRACTION' ? 
r_scangle_it                 ?     ?      ? ?   'X-RAY DIFFRACTION' ? 
r_scangle_other              4.441 5.854  ? 870 'X-RAY DIFFRACTION' ? 
r_long_range_B_refined       5.775 37.617 ? 794 'X-RAY DIFFRACTION' ? 
r_long_range_B_other         5.772 37.627 ? 795 'X-RAY DIFFRACTION' ? 
r_rigid_bond_restr           ?     ?      ? ?   'X-RAY DIFFRACTION' ? 
r_sphericity_free            ?     ?      ? ?   'X-RAY DIFFRACTION' ? 
r_sphericity_bonded          ?     ?      ? ?   'X-RAY DIFFRACTION' ? 
# 
_refine_ls_shell.pdbx_refine_id                   'X-RAY DIFFRACTION' 
_refine_ls_shell.pdbx_total_number_of_bins_used   20 
_refine_ls_shell.d_res_high                       2.300 
_refine_ls_shell.d_res_low                        2.359 
_refine_ls_shell.number_reflns_R_work             161 
_refine_ls_shell.R_factor_R_work                  0.337 
_refine_ls_shell.percent_reflns_obs               77.88 
_refine_ls_shell.R_factor_R_free                  0.454 
_refine_ls_shell.R_factor_R_free_error            ? 
_refine_ls_shell.percent_reflns_R_free            ? 
_refine_ls_shell.number_reflns_R_free             15 
_refine_ls_shell.number_reflns_all                ? 
_refine_ls_shell.R_factor_all                     ? 
_refine_ls_shell.R_factor_obs                     ? 
_refine_ls_shell.number_reflns_obs                ? 
# 
_struct.entry_id                     5T4W 
_struct.title                        'Crystal structure of a DNA sequence d (CGTGAATTCACG) with DAPI' 
_struct.pdbx_model_details           ? 
_struct.pdbx_formula_weight          ? 
_struct.pdbx_formula_weight_method   ? 
_struct.pdbx_model_type_details      ? 
_struct.pdbx_CASP_flag               N 
# 
_struct_keywords.entry_id        5T4W 
_struct_keywords.text            'DNA, Ligand, DAPI' 
_struct_keywords.pdbx_keywords   DNA 
# 
loop_
_struct_asym.id 
_struct_asym.pdbx_blank_PDB_chainid_flag 
_struct_asym.pdbx_modified 
_struct_asym.entity_id 
_struct_asym.details 
A N N 1 ? 
B N N 1 ? 
C N N 2 ? 
D N N 3 ? 
# 
_struct_ref.id                         1 
_struct_ref.db_name                    PDB 
_struct_ref.db_code                    5T4W 
_struct_ref.pdbx_db_accession          5T4W 
_struct_ref.pdbx_db_isoform            ? 
_struct_ref.entity_id                  1 
_struct_ref.pdbx_seq_one_letter_code   ? 
_struct_ref.pdbx_align_begin           1 
# 
loop_
_struct_ref_seq.align_id 
_struct_ref_seq.ref_id 
_struct_ref_seq.pdbx_PDB_id_code 
_struct_ref_seq.pdbx_strand_id 
_struct_ref_seq.seq_align_beg 
_struct_ref_seq.pdbx_seq_align_beg_ins_code 
_struct_ref_seq.seq_align_end 
_struct_ref_seq.pdbx_seq_align_end_ins_code 
_struct_ref_seq.pdbx_db_accession 
_struct_ref_seq.db_align_beg 
_struct_ref_seq.pdbx_db_align_beg_ins_code 
_struct_ref_seq.db_align_end 
_struct_ref_seq.pdbx_db_align_end_ins_code 
_struct_ref_seq.pdbx_auth_seq_align_beg 
_struct_ref_seq.pdbx_auth_seq_align_end 
1 1 5T4W A 1 ? 12 ? 5T4W 1  ? 12 ? 1  12 
2 1 5T4W B 1 ? 12 ? 5T4W 13 ? 24 ? 13 24 
# 
_pdbx_struct_assembly.id                   1 
_pdbx_struct_assembly.details              author_and_software_defined_assembly 
_pdbx_struct_assembly.method_details       PISA 
_pdbx_struct_assembly.oligomeric_details   dimeric 
_pdbx_struct_assembly.oligomeric_count     2 
# 
loop_
_pdbx_struct_assembly_prop.biol_id 
_pdbx_struct_assembly_prop.type 
_pdbx_struct_assembly_prop.value 
_pdbx_struct_assembly_prop.details 
1 'ABSA (A^2)' 1840 ? 
1 MORE         4    ? 
1 'SSA (A^2)'  4300 ? 
# 
_pdbx_struct_assembly_gen.assembly_id       1 
_pdbx_struct_assembly_gen.oper_expression   1 
_pdbx_struct_assembly_gen.asym_id_list      A,B,C,D 
# 
_pdbx_struct_oper_list.id                   1 
_pdbx_struct_oper_list.type                 'identity operation' 
_pdbx_struct_oper_list.name                 1_555 
_pdbx_struct_oper_list.symmetry_operation   x,y,z 
_pdbx_struct_oper_list.matrix[1][1]         1.0000000000 
_pdbx_struct_oper_list.matrix[1][2]         0.0000000000 
_pdbx_struct_oper_list.matrix[1][3]         0.0000000000 
_pdbx_struct_oper_list.vector[1]            0.0000000000 
_pdbx_struct_oper_list.matrix[2][1]         0.0000000000 
_pdbx_struct_oper_list.matrix[2][2]         1.0000000000 
_pdbx_struct_oper_list.matrix[2][3]         0.0000000000 
_pdbx_struct_oper_list.vector[2]            0.0000000000 
_pdbx_struct_oper_list.matrix[3][1]         0.0000000000 
_pdbx_struct_oper_list.matrix[3][2]         0.0000000000 
_pdbx_struct_oper_list.matrix[3][3]         1.0000000000 
_pdbx_struct_oper_list.vector[3]            0.0000000000 
# 
loop_
_struct_conn.id 
_struct_conn.conn_type_id 
_struct_conn.pdbx_leaving_atom_flag 
_struct_conn.pdbx_PDB_id 
_struct_conn.ptnr1_label_asym_id 
_struct_conn.ptnr1_label_comp_id 
_struct_conn.ptnr1_label_seq_id 
_struct_conn.ptnr1_label_atom_id 
_struct_conn.pdbx_ptnr1_label_alt_id 
_struct_conn.pdbx_ptnr1_PDB_ins_code 
_struct_conn.pdbx_ptnr1_standard_comp_id 
_struct_conn.ptnr1_symmetry 
_struct_conn.ptnr2_label_asym_id 
_struct_conn.ptnr2_label_comp_id 
_struct_conn.ptnr2_label_seq_id 
_struct_conn.ptnr2_label_atom_id 
_struct_conn.pdbx_ptnr2_label_alt_id 
_struct_conn.pdbx_ptnr2_PDB_ins_code 
_struct_conn.ptnr1_auth_asym_id 
_struct_conn.ptnr1_auth_comp_id 
_struct_conn.ptnr1_auth_seq_id 
_struct_conn.ptnr2_auth_asym_id 
_struct_conn.ptnr2_auth_comp_id 
_struct_conn.ptnr2_auth_seq_id 
_struct_conn.ptnr2_symmetry 
_struct_conn.pdbx_ptnr3_label_atom_id 
_struct_conn.pdbx_ptnr3_label_seq_id 
_struct_conn.pdbx_ptnr3_label_comp_id 
_struct_conn.pdbx_ptnr3_label_asym_id 
_struct_conn.pdbx_ptnr3_label_alt_id 
_struct_conn.pdbx_ptnr3_PDB_ins_code 
_struct_conn.details 
_struct_conn.pdbx_dist_value 
_struct_conn.pdbx_value_order 
_struct_conn.pdbx_role 
hydrog1  hydrog ? ? A DC 1  N3 ? ? ? 1_555 B DG 12 N1 ? ? A DC 1  B DG 24 1_555 ? ? ? ? ? ? WATSON-CRICK ? ? ? 
hydrog2  hydrog ? ? A DC 1  N4 ? ? ? 1_555 B DG 12 O6 ? ? A DC 1  B DG 24 1_555 ? ? ? ? ? ? WATSON-CRICK ? ? ? 
hydrog3  hydrog ? ? A DC 1  O2 ? ? ? 1_555 B DG 12 N2 ? ? A DC 1  B DG 24 1_555 ? ? ? ? ? ? WATSON-CRICK ? ? ? 
hydrog4  hydrog ? ? A DG 2  N1 ? ? ? 1_555 B DC 11 N3 ? ? A DG 2  B DC 23 1_555 ? ? ? ? ? ? WATSON-CRICK ? ? ? 
hydrog5  hydrog ? ? A DG 2  N2 ? ? ? 1_555 B DC 11 O2 ? ? A DG 2  B DC 23 1_555 ? ? ? ? ? ? WATSON-CRICK ? ? ? 
hydrog6  hydrog ? ? A DG 2  O6 ? ? ? 1_555 B DC 11 N4 ? ? A DG 2  B DC 23 1_555 ? ? ? ? ? ? WATSON-CRICK ? ? ? 
hydrog7  hydrog ? ? A DT 3  N3 ? ? ? 1_555 B DA 10 N1 ? ? A DT 3  B DA 22 1_555 ? ? ? ? ? ? WATSON-CRICK ? ? ? 
hydrog8  hydrog ? ? A DT 3  O4 ? ? ? 1_555 B DA 10 N6 ? ? A DT 3  B DA 22 1_555 ? ? ? ? ? ? WATSON-CRICK ? ? ? 
hydrog9  hydrog ? ? A DG 4  N1 ? ? ? 1_555 B DC 9  N3 ? ? A DG 4  B DC 21 1_555 ? ? ? ? ? ? WATSON-CRICK ? ? ? 
hydrog10 hydrog ? ? A DG 4  N2 ? ? ? 1_555 B DC 9  O2 ? ? A DG 4  B DC 21 1_555 ? ? ? ? ? ? WATSON-CRICK ? ? ? 
hydrog11 hydrog ? ? A DG 4  O6 ? ? ? 1_555 B DC 9  N4 ? ? A DG 4  B DC 21 1_555 ? ? ? ? ? ? WATSON-CRICK ? ? ? 
hydrog12 hydrog ? ? A DA 5  N1 ? ? ? 1_555 B DT 8  N3 ? ? A DA 5  B DT 20 1_555 ? ? ? ? ? ? WATSON-CRICK ? ? ? 
hydrog13 hydrog ? ? A DA 5  N6 ? ? ? 1_555 B DT 8  O4 ? ? A DA 5  B DT 20 1_555 ? ? ? ? ? ? WATSON-CRICK ? ? ? 
hydrog14 hydrog ? ? A DA 6  N1 ? ? ? 1_555 B DT 7  N3 ? ? A DA 6  B DT 19 1_555 ? ? ? ? ? ? WATSON-CRICK ? ? ? 
hydrog15 hydrog ? ? A DA 6  N6 ? ? ? 1_555 B DT 7  O4 ? ? A DA 6  B DT 19 1_555 ? ? ? ? ? ? WATSON-CRICK ? ? ? 
hydrog16 hydrog ? ? A DT 7  N3 ? ? ? 1_555 B DA 6  N1 ? ? A DT 7  B DA 18 1_555 ? ? ? ? ? ? WATSON-CRICK ? ? ? 
hydrog17 hydrog ? ? A DT 7  O4 ? ? ? 1_555 B DA 6  N6 ? ? A DT 7  B DA 18 1_555 ? ? ? ? ? ? WATSON-CRICK ? ? ? 
hydrog18 hydrog ? ? A DT 8  N3 ? ? ? 1_555 B DA 5  N1 ? ? A DT 8  B DA 17 1_555 ? ? ? ? ? ? WATSON-CRICK ? ? ? 
hydrog19 hydrog ? ? A DT 8  O4 ? ? ? 1_555 B DA 5  N6 ? ? A DT 8  B DA 17 1_555 ? ? ? ? ? ? WATSON-CRICK ? ? ? 
hydrog20 hydrog ? ? A DC 9  N3 ? ? ? 1_555 B DG 4  N1 ? ? A DC 9  B DG 16 1_555 ? ? ? ? ? ? WATSON-CRICK ? ? ? 
hydrog21 hydrog ? ? A DC 9  N4 ? ? ? 1_555 B DG 4  O6 ? ? A DC 9  B DG 16 1_555 ? ? ? ? ? ? WATSON-CRICK ? ? ? 
hydrog22 hydrog ? ? A DC 9  O2 ? ? ? 1_555 B DG 4  N2 ? ? A DC 9  B DG 16 1_555 ? ? ? ? ? ? WATSON-CRICK ? ? ? 
hydrog23 hydrog ? ? A DA 10 N1 ? ? ? 1_555 B DT 3  N3 ? ? A DA 10 B DT 15 1_555 ? ? ? ? ? ? WATSON-CRICK ? ? ? 
hydrog24 hydrog ? ? A DA 10 N6 ? ? ? 1_555 B DT 3  O4 ? ? A DA 10 B DT 15 1_555 ? ? ? ? ? ? WATSON-CRICK ? ? ? 
hydrog25 hydrog ? ? A DC 11 N3 ? ? ? 1_555 B DG 2  N1 ? ? A DC 11 B DG 14 1_555 ? ? ? ? ? ? WATSON-CRICK ? ? ? 
hydrog26 hydrog ? ? A DC 11 N4 ? ? ? 1_555 B DG 2  O6 ? ? A DC 11 B DG 14 1_555 ? ? ? ? ? ? WATSON-CRICK ? ? ? 
hydrog27 hydrog ? ? A DC 11 O2 ? ? ? 1_555 B DG 2  N2 ? ? A DC 11 B DG 14 1_555 ? ? ? ? ? ? WATSON-CRICK ? ? ? 
hydrog28 hydrog ? ? A DG 12 N1 ? ? ? 1_555 B DC 1  N3 ? ? A DG 12 B DC 13 1_555 ? ? ? ? ? ? WATSON-CRICK ? ? ? 
hydrog29 hydrog ? ? A DG 12 N2 ? ? ? 1_555 B DC 1  O2 ? ? A DG 12 B DC 13 1_555 ? ? ? ? ? ? WATSON-CRICK ? ? ? 
hydrog30 hydrog ? ? A DG 12 O6 ? ? ? 1_555 B DC 1  N4 ? ? A DG 12 B DC 13 1_555 ? ? ? ? ? ? WATSON-CRICK ? ? ? 
# 
_struct_conn_type.id          hydrog 
_struct_conn_type.criteria    ? 
_struct_conn_type.reference   ? 
# 
_struct_site.id                   AC1 
_struct_site.pdbx_evidence_code   Software 
_struct_site.pdbx_auth_asym_id    A 
_struct_site.pdbx_auth_comp_id    DAP 
_struct_site.pdbx_auth_seq_id     101 
_struct_site.pdbx_auth_ins_code   ? 
_struct_site.pdbx_num_residues    8 
_struct_site.details              'binding site for residue DAP A 101' 
# 
loop_
_struct_site_gen.id 
_struct_site_gen.site_id 
_struct_site_gen.pdbx_num_res 
_struct_site_gen.label_comp_id 
_struct_site_gen.label_asym_id 
_struct_site_gen.label_seq_id 
_struct_site_gen.pdbx_auth_ins_code 
_struct_site_gen.auth_comp_id 
_struct_site_gen.auth_asym_id 
_struct_site_gen.auth_seq_id 
_struct_site_gen.label_atom_id 
_struct_site_gen.label_alt_id 
_struct_site_gen.symmetry 
_struct_site_gen.details 
1 AC1 8 DA A 6 ? DA A 6  . ? 1_555 ? 
2 AC1 8 DT A 7 ? DT A 7  . ? 1_555 ? 
3 AC1 8 DT A 8 ? DT A 8  . ? 1_555 ? 
4 AC1 8 DC A 9 ? DC A 9  . ? 1_555 ? 
5 AC1 8 DA B 6 ? DA B 18 . ? 1_555 ? 
6 AC1 8 DT B 7 ? DT B 19 . ? 1_555 ? 
7 AC1 8 DT B 8 ? DT B 20 . ? 1_555 ? 
8 AC1 8 DC B 9 ? DC B 21 . ? 1_555 ? 
# 
loop_
_chem_comp_atom.comp_id 
_chem_comp_atom.atom_id 
_chem_comp_atom.type_symbol 
_chem_comp_atom.pdbx_aromatic_flag 
_chem_comp_atom.pdbx_stereo_config 
_chem_comp_atom.pdbx_ordinal 
DA  OP3    O N N 1   
DA  P      P N N 2   
DA  OP1    O N N 3   
DA  OP2    O N N 4   
DA  "O5'"  O N N 5   
DA  "C5'"  C N N 6   
DA  "C4'"  C N R 7   
DA  "O4'"  O N N 8   
DA  "C3'"  C N S 9   
DA  "O3'"  O N N 10  
DA  "C2'"  C N N 11  
DA  "C1'"  C N R 12  
DA  N9     N Y N 13  
DA  C8     C Y N 14  
DA  N7     N Y N 15  
DA  C5     C Y N 16  
DA  C6     C Y N 17  
DA  N6     N N N 18  
DA  N1     N Y N 19  
DA  C2     C Y N 20  
DA  N3     N Y N 21  
DA  C4     C Y N 22  
DA  HOP3   H N N 23  
DA  HOP2   H N N 24  
DA  "H5'"  H N N 25  
DA  "H5''" H N N 26  
DA  "H4'"  H N N 27  
DA  "H3'"  H N N 28  
DA  "HO3'" H N N 29  
DA  "H2'"  H N N 30  
DA  "H2''" H N N 31  
DA  "H1'"  H N N 32  
DA  H8     H N N 33  
DA  H61    H N N 34  
DA  H62    H N N 35  
DA  H2     H N N 36  
DAP N1     N Y N 37  
DAP C2     C Y N 38  
DAP C3     C Y N 39  
DAP C4     C Y N 40  
DAP C5     C Y N 41  
DAP C6     C Y N 42  
DAP C7     C Y N 43  
DAP C8     C Y N 44  
DAP C9     C Y N 45  
DAP C10    C N N 46  
DAP N2     N N N 47  
DAP N3     N N N 48  
DAP "C1'"  C Y N 49  
DAP "C2'"  C Y N 50  
DAP "C3'"  C Y N 51  
DAP "C4'"  C Y N 52  
DAP "C5'"  C Y N 53  
DAP "C6'"  C Y N 54  
DAP C11    C N N 55  
DAP N4     N N N 56  
DAP N5     N N N 57  
DAP HN1    H N N 58  
DAP H3     H N N 59  
DAP H4     H N N 60  
DAP H5     H N N 61  
DAP H7     H N N 62  
DAP HN2    H N N 63  
DAP HN31   H N N 64  
DAP HN32   H N N 65  
DAP "H2'"  H N N 66  
DAP "H3'"  H N N 67  
DAP "H5'"  H N N 68  
DAP "H6'"  H N N 69  
DAP HN4    H N N 70  
DAP HN51   H N N 71  
DAP HN52   H N N 72  
DC  OP3    O N N 73  
DC  P      P N N 74  
DC  OP1    O N N 75  
DC  OP2    O N N 76  
DC  "O5'"  O N N 77  
DC  "C5'"  C N N 78  
DC  "C4'"  C N R 79  
DC  "O4'"  O N N 80  
DC  "C3'"  C N S 81  
DC  "O3'"  O N N 82  
DC  "C2'"  C N N 83  
DC  "C1'"  C N R 84  
DC  N1     N N N 85  
DC  C2     C N N 86  
DC  O2     O N N 87  
DC  N3     N N N 88  
DC  C4     C N N 89  
DC  N4     N N N 90  
DC  C5     C N N 91  
DC  C6     C N N 92  
DC  HOP3   H N N 93  
DC  HOP2   H N N 94  
DC  "H5'"  H N N 95  
DC  "H5''" H N N 96  
DC  "H4'"  H N N 97  
DC  "H3'"  H N N 98  
DC  "HO3'" H N N 99  
DC  "H2'"  H N N 100 
DC  "H2''" H N N 101 
DC  "H1'"  H N N 102 
DC  H41    H N N 103 
DC  H42    H N N 104 
DC  H5     H N N 105 
DC  H6     H N N 106 
DG  OP3    O N N 107 
DG  P      P N N 108 
DG  OP1    O N N 109 
DG  OP2    O N N 110 
DG  "O5'"  O N N 111 
DG  "C5'"  C N N 112 
DG  "C4'"  C N R 113 
DG  "O4'"  O N N 114 
DG  "C3'"  C N S 115 
DG  "O3'"  O N N 116 
DG  "C2'"  C N N 117 
DG  "C1'"  C N R 118 
DG  N9     N Y N 119 
DG  C8     C Y N 120 
DG  N7     N Y N 121 
DG  C5     C Y N 122 
DG  C6     C N N 123 
DG  O6     O N N 124 
DG  N1     N N N 125 
DG  C2     C N N 126 
DG  N2     N N N 127 
DG  N3     N N N 128 
DG  C4     C Y N 129 
DG  HOP3   H N N 130 
DG  HOP2   H N N 131 
DG  "H5'"  H N N 132 
DG  "H5''" H N N 133 
DG  "H4'"  H N N 134 
DG  "H3'"  H N N 135 
DG  "HO3'" H N N 136 
DG  "H2'"  H N N 137 
DG  "H2''" H N N 138 
DG  "H1'"  H N N 139 
DG  H8     H N N 140 
DG  H1     H N N 141 
DG  H21    H N N 142 
DG  H22    H N N 143 
DT  OP3    O N N 144 
DT  P      P N N 145 
DT  OP1    O N N 146 
DT  OP2    O N N 147 
DT  "O5'"  O N N 148 
DT  "C5'"  C N N 149 
DT  "C4'"  C N R 150 
DT  "O4'"  O N N 151 
DT  "C3'"  C N S 152 
DT  "O3'"  O N N 153 
DT  "C2'"  C N N 154 
DT  "C1'"  C N R 155 
DT  N1     N N N 156 
DT  C2     C N N 157 
DT  O2     O N N 158 
DT  N3     N N N 159 
DT  C4     C N N 160 
DT  O4     O N N 161 
DT  C5     C N N 162 
DT  C7     C N N 163 
DT  C6     C N N 164 
DT  HOP3   H N N 165 
DT  HOP2   H N N 166 
DT  "H5'"  H N N 167 
DT  "H5''" H N N 168 
DT  "H4'"  H N N 169 
DT  "H3'"  H N N 170 
DT  "HO3'" H N N 171 
DT  "H2'"  H N N 172 
DT  "H2''" H N N 173 
DT  "H1'"  H N N 174 
DT  H3     H N N 175 
DT  H71    H N N 176 
DT  H72    H N N 177 
DT  H73    H N N 178 
DT  H6     H N N 179 
HOH O      O N N 180 
HOH H1     H N N 181 
HOH H2     H N N 182 
# 
loop_
_chem_comp_bond.comp_id 
_chem_comp_bond.atom_id_1 
_chem_comp_bond.atom_id_2 
_chem_comp_bond.value_order 
_chem_comp_bond.pdbx_aromatic_flag 
_chem_comp_bond.pdbx_stereo_config 
_chem_comp_bond.pdbx_ordinal 
DA  OP3   P      sing N N 1   
DA  OP3   HOP3   sing N N 2   
DA  P     OP1    doub N N 3   
DA  P     OP2    sing N N 4   
DA  P     "O5'"  sing N N 5   
DA  OP2   HOP2   sing N N 6   
DA  "O5'" "C5'"  sing N N 7   
DA  "C5'" "C4'"  sing N N 8   
DA  "C5'" "H5'"  sing N N 9   
DA  "C5'" "H5''" sing N N 10  
DA  "C4'" "O4'"  sing N N 11  
DA  "C4'" "C3'"  sing N N 12  
DA  "C4'" "H4'"  sing N N 13  
DA  "O4'" "C1'"  sing N N 14  
DA  "C3'" "O3'"  sing N N 15  
DA  "C3'" "C2'"  sing N N 16  
DA  "C3'" "H3'"  sing N N 17  
DA  "O3'" "HO3'" sing N N 18  
DA  "C2'" "C1'"  sing N N 19  
DA  "C2'" "H2'"  sing N N 20  
DA  "C2'" "H2''" sing N N 21  
DA  "C1'" N9     sing N N 22  
DA  "C1'" "H1'"  sing N N 23  
DA  N9    C8     sing Y N 24  
DA  N9    C4     sing Y N 25  
DA  C8    N7     doub Y N 26  
DA  C8    H8     sing N N 27  
DA  N7    C5     sing Y N 28  
DA  C5    C6     sing Y N 29  
DA  C5    C4     doub Y N 30  
DA  C6    N6     sing N N 31  
DA  C6    N1     doub Y N 32  
DA  N6    H61    sing N N 33  
DA  N6    H62    sing N N 34  
DA  N1    C2     sing Y N 35  
DA  C2    N3     doub Y N 36  
DA  C2    H2     sing N N 37  
DA  N3    C4     sing Y N 38  
DAP N1    C2     sing Y N 39  
DAP N1    C8     sing Y N 40  
DAP N1    HN1    sing N N 41  
DAP C2    C3     doub Y N 42  
DAP C2    "C1'"  sing Y N 43  
DAP C3    C9     sing Y N 44  
DAP C3    H3     sing N N 45  
DAP C4    C5     doub Y N 46  
DAP C4    C9     sing Y N 47  
DAP C4    H4     sing N N 48  
DAP C5    C6     sing Y N 49  
DAP C5    H5     sing N N 50  
DAP C6    C7     doub Y N 51  
DAP C6    C10    sing N N 52  
DAP C7    C8     sing Y N 53  
DAP C7    H7     sing N N 54  
DAP C8    C9     doub Y N 55  
DAP C10   N2     doub N N 56  
DAP C10   N3     sing N N 57  
DAP N2    HN2    sing N N 58  
DAP N3    HN31   sing N N 59  
DAP N3    HN32   sing N N 60  
DAP "C1'" "C2'"  doub Y N 61  
DAP "C1'" "C6'"  sing Y N 62  
DAP "C2'" "C3'"  sing Y N 63  
DAP "C2'" "H2'"  sing N N 64  
DAP "C3'" "C4'"  doub Y N 65  
DAP "C3'" "H3'"  sing N N 66  
DAP "C4'" "C5'"  sing Y N 67  
DAP "C4'" C11    sing N N 68  
DAP "C5'" "C6'"  doub Y N 69  
DAP "C5'" "H5'"  sing N N 70  
DAP "C6'" "H6'"  sing N N 71  
DAP C11   N4     doub N N 72  
DAP C11   N5     sing N N 73  
DAP N4    HN4    sing N N 74  
DAP N5    HN51   sing N N 75  
DAP N5    HN52   sing N N 76  
DC  OP3   P      sing N N 77  
DC  OP3   HOP3   sing N N 78  
DC  P     OP1    doub N N 79  
DC  P     OP2    sing N N 80  
DC  P     "O5'"  sing N N 81  
DC  OP2   HOP2   sing N N 82  
DC  "O5'" "C5'"  sing N N 83  
DC  "C5'" "C4'"  sing N N 84  
DC  "C5'" "H5'"  sing N N 85  
DC  "C5'" "H5''" sing N N 86  
DC  "C4'" "O4'"  sing N N 87  
DC  "C4'" "C3'"  sing N N 88  
DC  "C4'" "H4'"  sing N N 89  
DC  "O4'" "C1'"  sing N N 90  
DC  "C3'" "O3'"  sing N N 91  
DC  "C3'" "C2'"  sing N N 92  
DC  "C3'" "H3'"  sing N N 93  
DC  "O3'" "HO3'" sing N N 94  
DC  "C2'" "C1'"  sing N N 95  
DC  "C2'" "H2'"  sing N N 96  
DC  "C2'" "H2''" sing N N 97  
DC  "C1'" N1     sing N N 98  
DC  "C1'" "H1'"  sing N N 99  
DC  N1    C2     sing N N 100 
DC  N1    C6     sing N N 101 
DC  C2    O2     doub N N 102 
DC  C2    N3     sing N N 103 
DC  N3    C4     doub N N 104 
DC  C4    N4     sing N N 105 
DC  C4    C5     sing N N 106 
DC  N4    H41    sing N N 107 
DC  N4    H42    sing N N 108 
DC  C5    C6     doub N N 109 
DC  C5    H5     sing N N 110 
DC  C6    H6     sing N N 111 
DG  OP3   P      sing N N 112 
DG  OP3   HOP3   sing N N 113 
DG  P     OP1    doub N N 114 
DG  P     OP2    sing N N 115 
DG  P     "O5'"  sing N N 116 
DG  OP2   HOP2   sing N N 117 
DG  "O5'" "C5'"  sing N N 118 
DG  "C5'" "C4'"  sing N N 119 
DG  "C5'" "H5'"  sing N N 120 
DG  "C5'" "H5''" sing N N 121 
DG  "C4'" "O4'"  sing N N 122 
DG  "C4'" "C3'"  sing N N 123 
DG  "C4'" "H4'"  sing N N 124 
DG  "O4'" "C1'"  sing N N 125 
DG  "C3'" "O3'"  sing N N 126 
DG  "C3'" "C2'"  sing N N 127 
DG  "C3'" "H3'"  sing N N 128 
DG  "O3'" "HO3'" sing N N 129 
DG  "C2'" "C1'"  sing N N 130 
DG  "C2'" "H2'"  sing N N 131 
DG  "C2'" "H2''" sing N N 132 
DG  "C1'" N9     sing N N 133 
DG  "C1'" "H1'"  sing N N 134 
DG  N9    C8     sing Y N 135 
DG  N9    C4     sing Y N 136 
DG  C8    N7     doub Y N 137 
DG  C8    H8     sing N N 138 
DG  N7    C5     sing Y N 139 
DG  C5    C6     sing N N 140 
DG  C5    C4     doub Y N 141 
DG  C6    O6     doub N N 142 
DG  C6    N1     sing N N 143 
DG  N1    C2     sing N N 144 
DG  N1    H1     sing N N 145 
DG  C2    N2     sing N N 146 
DG  C2    N3     doub N N 147 
DG  N2    H21    sing N N 148 
DG  N2    H22    sing N N 149 
DG  N3    C4     sing N N 150 
DT  OP3   P      sing N N 151 
DT  OP3   HOP3   sing N N 152 
DT  P     OP1    doub N N 153 
DT  P     OP2    sing N N 154 
DT  P     "O5'"  sing N N 155 
DT  OP2   HOP2   sing N N 156 
DT  "O5'" "C5'"  sing N N 157 
DT  "C5'" "C4'"  sing N N 158 
DT  "C5'" "H5'"  sing N N 159 
DT  "C5'" "H5''" sing N N 160 
DT  "C4'" "O4'"  sing N N 161 
DT  "C4'" "C3'"  sing N N 162 
DT  "C4'" "H4'"  sing N N 163 
DT  "O4'" "C1'"  sing N N 164 
DT  "C3'" "O3'"  sing N N 165 
DT  "C3'" "C2'"  sing N N 166 
DT  "C3'" "H3'"  sing N N 167 
DT  "O3'" "HO3'" sing N N 168 
DT  "C2'" "C1'"  sing N N 169 
DT  "C2'" "H2'"  sing N N 170 
DT  "C2'" "H2''" sing N N 171 
DT  "C1'" N1     sing N N 172 
DT  "C1'" "H1'"  sing N N 173 
DT  N1    C2     sing N N 174 
DT  N1    C6     sing N N 175 
DT  C2    O2     doub N N 176 
DT  C2    N3     sing N N 177 
DT  N3    C4     sing N N 178 
DT  N3    H3     sing N N 179 
DT  C4    O4     doub N N 180 
DT  C4    C5     sing N N 181 
DT  C5    C7     sing N N 182 
DT  C5    C6     doub N N 183 
DT  C7    H71    sing N N 184 
DT  C7    H72    sing N N 185 
DT  C7    H73    sing N N 186 
DT  C6    H6     sing N N 187 
HOH O     H1     sing N N 188 
HOH O     H2     sing N N 189 
# 
_ndb_struct_conf_na.entry_id   5T4W 
_ndb_struct_conf_na.feature    'b-form double helix' 
# 
loop_
_ndb_struct_na_base_pair.model_number 
_ndb_struct_na_base_pair.i_label_asym_id 
_ndb_struct_na_base_pair.i_label_comp_id 
_ndb_struct_na_base_pair.i_label_seq_id 
_ndb_struct_na_base_pair.i_symmetry 
_ndb_struct_na_base_pair.j_label_asym_id 
_ndb_struct_na_base_pair.j_label_comp_id 
_ndb_struct_na_base_pair.j_label_seq_id 
_ndb_struct_na_base_pair.j_symmetry 
_ndb_struct_na_base_pair.shear 
_ndb_struct_na_base_pair.stretch 
_ndb_struct_na_base_pair.stagger 
_ndb_struct_na_base_pair.buckle 
_ndb_struct_na_base_pair.propeller 
_ndb_struct_na_base_pair.opening 
_ndb_struct_na_base_pair.pair_number 
_ndb_struct_na_base_pair.pair_name 
_ndb_struct_na_base_pair.i_auth_asym_id 
_ndb_struct_na_base_pair.i_auth_seq_id 
_ndb_struct_na_base_pair.i_PDB_ins_code 
_ndb_struct_na_base_pair.j_auth_asym_id 
_ndb_struct_na_base_pair.j_auth_seq_id 
_ndb_struct_na_base_pair.j_PDB_ins_code 
_ndb_struct_na_base_pair.hbond_type_28 
_ndb_struct_na_base_pair.hbond_type_12 
1 A DC 1  1_555 B DG 12 1_555 0.041  -0.063 0.171  -0.691  -12.741 -2.457 1  A_DC1:DG24_B  A 1  ? B 24 ? 19 1 
1 A DG 2  1_555 B DC 11 1_555 -0.024 -0.168 0.225  -0.218  -18.318 -2.974 2  A_DG2:DC23_B  A 2  ? B 23 ? 19 1 
1 A DT 3  1_555 B DA 10 1_555 0.235  -0.293 0.066  -3.750  -8.439  1.024  3  A_DT3:DA22_B  A 3  ? B 22 ? 20 1 
1 A DG 4  1_555 B DC 9  1_555 -0.421 -0.323 0.017  11.616  -5.866  3.633  4  A_DG4:DC21_B  A 4  ? B 21 ? 19 1 
1 A DA 5  1_555 B DT 8  1_555 -0.377 -0.131 -0.039 5.548   -15.240 4.796  5  A_DA5:DT20_B  A 5  ? B 20 ? 20 1 
1 A DA 6  1_555 B DT 7  1_555 0.221  -0.098 -0.024 3.620   -22.407 4.648  6  A_DA6:DT19_B  A 6  ? B 19 ? 20 1 
1 A DT 7  1_555 B DA 6  1_555 0.121  0.036  0.304  -3.433  -22.376 9.191  7  A_DT7:DA18_B  A 7  ? B 18 ? 20 1 
1 A DT 8  1_555 B DA 5  1_555 0.227  -0.305 0.031  -4.136  -15.973 6.583  8  A_DT8:DA17_B  A 8  ? B 17 ? 20 1 
1 A DC 9  1_555 B DG 4  1_555 0.139  -0.181 0.119  -13.829 -9.311  1.475  9  A_DC9:DG16_B  A 9  ? B 16 ? 19 1 
1 A DA 10 1_555 B DT 3  1_555 -0.244 -0.228 0.065  5.625   -6.504  -1.996 10 A_DA10:DT15_B A 10 ? B 15 ? 20 1 
1 A DC 11 1_555 B DG 2  1_555 -0.186 0.069  0.360  5.157   -21.749 -7.983 11 A_DC11:DG14_B A 11 ? B 14 ? 19 1 
1 A DG 12 1_555 B DC 1  1_555 0.107  -0.150 0.250  6.380   -6.152  -6.445 12 A_DG12:DC13_B A 12 ? B 13 ? 19 1 
# 
loop_
_ndb_struct_na_base_pair_step.model_number 
_ndb_struct_na_base_pair_step.i_label_asym_id_1 
_ndb_struct_na_base_pair_step.i_label_comp_id_1 
_ndb_struct_na_base_pair_step.i_label_seq_id_1 
_ndb_struct_na_base_pair_step.i_symmetry_1 
_ndb_struct_na_base_pair_step.j_label_asym_id_1 
_ndb_struct_na_base_pair_step.j_label_comp_id_1 
_ndb_struct_na_base_pair_step.j_label_seq_id_1 
_ndb_struct_na_base_pair_step.j_symmetry_1 
_ndb_struct_na_base_pair_step.i_label_asym_id_2 
_ndb_struct_na_base_pair_step.i_label_comp_id_2 
_ndb_struct_na_base_pair_step.i_label_seq_id_2 
_ndb_struct_na_base_pair_step.i_symmetry_2 
_ndb_struct_na_base_pair_step.j_label_asym_id_2 
_ndb_struct_na_base_pair_step.j_label_comp_id_2 
_ndb_struct_na_base_pair_step.j_label_seq_id_2 
_ndb_struct_na_base_pair_step.j_symmetry_2 
_ndb_struct_na_base_pair_step.shift 
_ndb_struct_na_base_pair_step.slide 
_ndb_struct_na_base_pair_step.rise 
_ndb_struct_na_base_pair_step.tilt 
_ndb_struct_na_base_pair_step.roll 
_ndb_struct_na_base_pair_step.twist 
_ndb_struct_na_base_pair_step.x_displacement 
_ndb_struct_na_base_pair_step.y_displacement 
_ndb_struct_na_base_pair_step.helical_rise 
_ndb_struct_na_base_pair_step.inclination 
_ndb_struct_na_base_pair_step.tip 
_ndb_struct_na_base_pair_step.helical_twist 
_ndb_struct_na_base_pair_step.step_number 
_ndb_struct_na_base_pair_step.step_name 
_ndb_struct_na_base_pair_step.i_auth_asym_id_1 
_ndb_struct_na_base_pair_step.i_auth_seq_id_1 
_ndb_struct_na_base_pair_step.i_PDB_ins_code_1 
_ndb_struct_na_base_pair_step.j_auth_asym_id_1 
_ndb_struct_na_base_pair_step.j_auth_seq_id_1 
_ndb_struct_na_base_pair_step.j_PDB_ins_code_1 
_ndb_struct_na_base_pair_step.i_auth_asym_id_2 
_ndb_struct_na_base_pair_step.i_auth_seq_id_2 
_ndb_struct_na_base_pair_step.i_PDB_ins_code_2 
_ndb_struct_na_base_pair_step.j_auth_asym_id_2 
_ndb_struct_na_base_pair_step.j_auth_seq_id_2 
_ndb_struct_na_base_pair_step.j_PDB_ins_code_2 
1 A DC 1  1_555 B DG 12 1_555 A DG 2  1_555 B DC 11 1_555 -0.431 0.173  3.352 -1.042 7.338   34.683 -0.829 0.551  3.329 12.138  
1.724  35.443 1  AA_DC1DG2:DC23DG24_BB   A 1  ? B 24 ? A 2  ? B 23 ? 
1 A DG 2  1_555 B DC 11 1_555 A DT 3  1_555 B DA 10 1_555 0.529  0.404  3.423 2.161  -6.650  39.858 1.362  -0.512 3.339 -9.664  
-3.141 40.442 2  AA_DG2DT3:DA22DC23_BB   A 2  ? B 23 ? A 3  ? B 22 ? 
1 A DT 3  1_555 B DA 10 1_555 A DG 4  1_555 B DC 9  1_555 0.011  1.077  3.019 1.566  8.077   28.134 0.437  0.307  3.194 16.183  
-3.137 29.289 3  AA_DT3DG4:DC21DA22_BB   A 3  ? B 22 ? A 4  ? B 21 ? 
1 A DG 4  1_555 B DC 9  1_555 A DA 5  1_555 B DT 8  1_555 -0.169 0.271  3.408 0.632  3.735   37.728 -0.083 0.345  3.416 5.758   
-0.974 37.911 4  AA_DG4DA5:DT20DC21_BB   A 4  ? B 21 ? A 5  ? B 20 ? 
1 A DA 5  1_555 B DT 8  1_555 A DA 6  1_555 B DT 7  1_555 -0.037 -0.020 3.263 -1.200 3.839   36.624 -0.551 -0.105 3.244 6.086   
1.903  36.837 5  AA_DA5DA6:DT19DT20_BB   A 5  ? B 20 ? A 6  ? B 19 ? 
1 A DA 6  1_555 B DT 7  1_555 A DT 7  1_555 B DA 6  1_555 0.294  -0.478 3.380 -1.935 -0.763  32.614 -0.713 -0.867 3.367 -1.357  
3.441  32.679 6  AA_DA6DT7:DA18DT19_BB   A 6  ? B 19 ? A 7  ? B 18 ? 
1 A DT 7  1_555 B DA 6  1_555 A DT 8  1_555 B DA 5  1_555 0.083  0.043  3.199 4.366  1.217   37.172 -0.089 0.432  3.188 1.900   
-6.818 37.437 7  AA_DT7DT8:DA17DA18_BB   A 7  ? B 18 ? A 8  ? B 17 ? 
1 A DT 8  1_555 B DA 5  1_555 A DC 9  1_555 B DG 4  1_555 -0.149 0.212  3.558 0.586  2.099   40.118 0.048  0.289  3.562 3.057   
-0.854 40.174 8  AA_DT8DC9:DG16DA17_BB   A 8  ? B 17 ? A 9  ? B 16 ? 
1 A DC 9  1_555 B DG 4  1_555 A DA 10 1_555 B DT 3  1_555 0.197  1.179  2.989 -1.936 3.387   28.124 1.676  -0.818 3.086 6.928   
3.959  28.387 9  AA_DC9DA10:DT15DG16_BB  A 9  ? B 16 ? A 10 ? B 15 ? 
1 A DA 10 1_555 B DT 3  1_555 A DC 11 1_555 B DG 2  1_555 -0.944 0.574  3.432 -2.707 -10.615 38.348 2.118  1.061  3.225 -15.771 
4.021  39.825 10 AA_DA10DC11:DG14DT15_BB A 10 ? B 15 ? A 11 ? B 14 ? 
1 A DC 11 1_555 B DG 2  1_555 A DG 12 1_555 B DC 1  1_555 0.621  0.409  3.388 2.437  1.906   37.656 0.375  -0.631 3.435 2.946   
-3.768 37.778 11 AA_DC11DG12:DC13DG14_BB A 11 ? B 14 ? A 12 ? B 13 ? 
# 
_pdbx_audit_support.funding_organization   NSFB 
_pdbx_audit_support.country                Bulgaria 
_pdbx_audit_support.grant_number           T0214 
_pdbx_audit_support.ordinal                1 
# 
_pdbx_initial_refinement_model.id               1 
_pdbx_initial_refinement_model.entity_id_list   ? 
_pdbx_initial_refinement_model.type             'experimental model' 
_pdbx_initial_refinement_model.source_name      PDB 
_pdbx_initial_refinement_model.accession_code   5JU4 
_pdbx_initial_refinement_model.details          ? 
# 
_atom_sites.entry_id                    5T4W 
_atom_sites.fract_transf_matrix[1][1]   0.02638758 
_atom_sites.fract_transf_matrix[1][2]   -0.02815111 
_atom_sites.fract_transf_matrix[1][3]   0.01329468 
_atom_sites.fract_transf_matrix[2][1]   -0.01794784 
_atom_sites.fract_transf_matrix[2][2]   -0.01109738 
_atom_sites.fract_transf_matrix[2][3]   0.01212488 
_atom_sites.fract_transf_matrix[3][1]   -0.00299327 
_atom_sites.fract_transf_matrix[3][2]   -0.00862734 
_atom_sites.fract_transf_matrix[3][3]   -0.01232703 
_atom_sites.fract_transf_vector[1]      2.082344 
_atom_sites.fract_transf_vector[2]      1.024053 
_atom_sites.fract_transf_vector[3]      0.128910 
# 
loop_
_atom_type.symbol 
C 
N 
O 
P 
# 
loop_
_atom_site.group_PDB 
_atom_site.id 
_atom_site.type_symbol 
_atom_site.label_atom_id 
_atom_site.label_alt_id 
_atom_site.label_comp_id 
_atom_site.label_asym_id 
_atom_site.label_entity_id 
_atom_site.label_seq_id 
_atom_site.pdbx_PDB_ins_code 
_atom_site.Cartn_x 
_atom_site.Cartn_y 
_atom_site.Cartn_z 
_atom_site.occupancy 
_atom_site.B_iso_or_equiv 
_atom_site.pdbx_formal_charge 
_atom_site.auth_seq_id 
_atom_site.auth_comp_id 
_atom_site.auth_asym_id 
_atom_site.auth_atom_id 
_atom_site.pdbx_PDB_model_num 
ATOM   1   O "O5'" . DC  A 1 1  ? -9.963  -18.508 -3.315  1.00 53.82 ? 1   DC  A "O5'" 1 
ATOM   2   C "C5'" . DC  A 1 1  ? -9.733  -18.027 -4.662  1.00 47.42 ? 1   DC  A "C5'" 1 
ATOM   3   C "C4'" . DC  A 1 1  ? -8.250  -17.869 -4.912  1.00 42.46 ? 1   DC  A "C4'" 1 
ATOM   4   O "O4'" . DC  A 1 1  ? -8.042  -17.195 -6.170  1.00 40.76 ? 1   DC  A "O4'" 1 
ATOM   5   C "C3'" . DC  A 1 1  ? -7.495  -17.044 -3.872  1.00 39.47 ? 1   DC  A "C3'" 1 
ATOM   6   O "O3'" . DC  A 1 1  ? -6.253  -17.678 -3.600  1.00 44.74 ? 1   DC  A "O3'" 1 
ATOM   7   C "C2'" . DC  A 1 1  ? -7.233  -15.724 -4.568  1.00 34.77 ? 1   DC  A "C2'" 1 
ATOM   8   C "C1'" . DC  A 1 1  ? -7.087  -16.163 -6.005  1.00 34.16 ? 1   DC  A "C1'" 1 
ATOM   9   N N1    . DC  A 1 1  ? -7.362  -15.139 -7.026  1.00 31.12 ? 1   DC  A N1    1 
ATOM   10  C C2    . DC  A 1 1  ? -6.453  -14.944 -8.078  1.00 28.71 ? 1   DC  A C2    1 
ATOM   11  O O2    . DC  A 1 1  ? -5.408  -15.609 -8.103  1.00 29.62 ? 1   DC  A O2    1 
ATOM   12  N N3    . DC  A 1 1  ? -6.729  -14.022 -9.025  1.00 27.60 ? 1   DC  A N3    1 
ATOM   13  C C4    . DC  A 1 1  ? -7.863  -13.320 -8.961  1.00 33.04 ? 1   DC  A C4    1 
ATOM   14  N N4    . DC  A 1 1  ? -8.093  -12.407 -9.908  1.00 32.20 ? 1   DC  A N4    1 
ATOM   15  C C5    . DC  A 1 1  ? -8.814  -13.517 -7.917  1.00 33.15 ? 1   DC  A C5    1 
ATOM   16  C C6    . DC  A 1 1  ? -8.532  -14.436 -6.988  1.00 29.91 ? 1   DC  A C6    1 
ATOM   17  P P     . DG  A 1 2  ? -5.426  -17.282 -2.302  1.00 49.87 ? 2   DG  A P     1 
ATOM   18  O OP1   . DG  A 1 2  ? -5.139  -18.534 -1.534  1.00 49.29 ? 2   DG  A OP1   1 
ATOM   19  O OP2   . DG  A 1 2  ? -6.080  -16.111 -1.644  1.00 43.87 ? 2   DG  A OP2   1 
ATOM   20  O "O5'" . DG  A 1 2  ? -4.088  -16.693 -2.919  1.00 42.59 ? 2   DG  A "O5'" 1 
ATOM   21  C "C5'" . DG  A 1 2  ? -3.256  -17.486 -3.750  1.00 39.66 ? 2   DG  A "C5'" 1 
ATOM   22  C "C4'" . DG  A 1 2  ? -2.097  -16.636 -4.210  1.00 40.52 ? 2   DG  A "C4'" 1 
ATOM   23  O "O4'" . DG  A 1 2  ? -2.536  -15.741 -5.265  1.00 40.18 ? 2   DG  A "O4'" 1 
ATOM   24  C "C3'" . DG  A 1 2  ? -1.485  -15.744 -3.132  1.00 38.34 ? 2   DG  A "C3'" 1 
ATOM   25  O "O3'" . DG  A 1 2  ? -0.094  -15.645 -3.396  1.00 42.28 ? 2   DG  A "O3'" 1 
ATOM   26  C "C2'" . DG  A 1 2  ? -2.094  -14.387 -3.403  1.00 36.78 ? 2   DG  A "C2'" 1 
ATOM   27  C "C1'" . DG  A 1 2  ? -2.226  -14.401 -4.913  1.00 35.99 ? 2   DG  A "C1'" 1 
ATOM   28  N N9    . DG  A 1 2  ? -3.283  -13.542 -5.436  1.00 35.23 ? 2   DG  A N9    1 
ATOM   29  C C8    . DG  A 1 2  ? -4.502  -13.270 -4.859  1.00 34.47 ? 2   DG  A C8    1 
ATOM   30  N N7    . DG  A 1 2  ? -5.226  -12.440 -5.559  1.00 30.84 ? 2   DG  A N7    1 
ATOM   31  C C5    . DG  A 1 2  ? -4.440  -12.152 -6.665  1.00 31.42 ? 2   DG  A C5    1 
ATOM   32  C C6    . DG  A 1 2  ? -4.702  -11.322 -7.781  1.00 30.36 ? 2   DG  A C6    1 
ATOM   33  O O6    . DG  A 1 2  ? -5.711  -10.636 -8.010  1.00 32.78 ? 2   DG  A O6    1 
ATOM   34  N N1    . DG  A 1 2  ? -3.639  -11.321 -8.679  1.00 27.64 ? 2   DG  A N1    1 
ATOM   35  C C2    . DG  A 1 2  ? -2.476  -12.038 -8.525  1.00 29.75 ? 2   DG  A C2    1 
ATOM   36  N N2    . DG  A 1 2  ? -1.565  -11.911 -9.501  1.00 30.22 ? 2   DG  A N2    1 
ATOM   37  N N3    . DG  A 1 2  ? -2.228  -12.831 -7.494  1.00 27.40 ? 2   DG  A N3    1 
ATOM   38  C C4    . DG  A 1 2  ? -3.240  -12.830 -6.605  1.00 30.23 ? 2   DG  A C4    1 
ATOM   39  P P     . DT  A 1 3  ? 0.903   -15.148 -2.278  1.00 42.75 ? 3   DT  A P     1 
ATOM   40  O OP1   . DT  A 1 3  ? 1.749   -16.309 -1.906  1.00 45.10 ? 3   DT  A OP1   1 
ATOM   41  O OP2   . DT  A 1 3  ? 0.125   -14.411 -1.236  1.00 39.98 ? 3   DT  A OP2   1 
ATOM   42  O "O5'" . DT  A 1 3  ? 1.773   -14.083 -3.064  1.00 42.27 ? 3   DT  A "O5'" 1 
ATOM   43  C "C5'" . DT  A 1 3  ? 2.300   -14.377 -4.364  1.00 41.96 ? 3   DT  A "C5'" 1 
ATOM   44  C "C4'" . DT  A 1 3  ? 2.377   -13.104 -5.176  1.00 38.19 ? 3   DT  A "C4'" 1 
ATOM   45  O "O4'" . DT  A 1 3  ? 1.052   -12.665 -5.503  1.00 37.33 ? 3   DT  A "O4'" 1 
ATOM   46  C "C3'" . DT  A 1 3  ? 3.018   -11.928 -4.457  1.00 35.11 ? 3   DT  A "C3'" 1 
ATOM   47  O "O3'" . DT  A 1 3  ? 4.351   -11.773 -4.906  1.00 39.10 ? 3   DT  A "O3'" 1 
ATOM   48  C "C2'" . DT  A 1 3  ? 2.245   -10.721 -4.944  1.00 34.97 ? 3   DT  A "C2'" 1 
ATOM   49  C "C1'" . DT  A 1 3  ? 1.094   -11.273 -5.756  1.00 34.57 ? 3   DT  A "C1'" 1 
ATOM   50  N N1    . DT  A 1 3  ? -0.201  -10.723 -5.362  1.00 31.11 ? 3   DT  A N1    1 
ATOM   51  C C2    . DT  A 1 3  ? -0.884  -9.930  -6.251  1.00 31.20 ? 3   DT  A C2    1 
ATOM   52  O O2    . DT  A 1 3  ? -0.445  -9.624  -7.347  1.00 34.35 ? 3   DT  A O2    1 
ATOM   53  N N3    . DT  A 1 3  ? -2.109  -9.504  -5.809  1.00 29.23 ? 3   DT  A N3    1 
ATOM   54  C C4    . DT  A 1 3  ? -2.699  -9.786  -4.596  1.00 30.86 ? 3   DT  A C4    1 
ATOM   55  O O4    . DT  A 1 3  ? -3.799  -9.321  -4.332  1.00 29.77 ? 3   DT  A O4    1 
ATOM   56  C C5    . DT  A 1 3  ? -1.925  -10.625 -3.714  1.00 34.83 ? 3   DT  A C5    1 
ATOM   57  C C7    . DT  A 1 3  ? -2.493  -11.000 -2.379  1.00 42.28 ? 3   DT  A C7    1 
ATOM   58  C C6    . DT  A 1 3  ? -0.726  -11.037 -4.132  1.00 29.63 ? 3   DT  A C6    1 
ATOM   59  P P     . DG  A 1 4  ? 5.334   -10.832 -4.117  1.00 40.30 ? 4   DG  A P     1 
ATOM   60  O OP1   . DG  A 1 4  ? 6.694   -11.450 -4.206  1.00 47.18 ? 4   DG  A OP1   1 
ATOM   61  O OP2   . DG  A 1 4  ? 4.727   -10.518 -2.800  1.00 36.55 ? 4   DG  A OP2   1 
ATOM   62  O "O5'" . DG  A 1 4  ? 5.320   -9.523  -5.006  1.00 37.91 ? 4   DG  A "O5'" 1 
ATOM   63  C "C5'" . DG  A 1 4  ? 5.715   -9.642  -6.374  1.00 41.64 ? 4   DG  A "C5'" 1 
ATOM   64  C "C4'" . DG  A 1 4  ? 5.498   -8.318  -7.053  1.00 41.71 ? 4   DG  A "C4'" 1 
ATOM   65  O "O4'" . DG  A 1 4  ? 4.093   -7.968  -6.974  1.00 41.72 ? 4   DG  A "O4'" 1 
ATOM   66  C "C3'" . DG  A 1 4  ? 6.254   -7.172  -6.384  1.00 41.37 ? 4   DG  A "C3'" 1 
ATOM   67  O "O3'" . DG  A 1 4  ? 6.645   -6.301  -7.450  1.00 44.64 ? 4   DG  A "O3'" 1 
ATOM   68  C "C2'" . DG  A 1 4  ? 5.234   -6.622  -5.399  1.00 38.93 ? 4   DG  A "C2'" 1 
ATOM   69  C "C1'" . DG  A 1 4  ? 3.910   -6.836  -6.128  1.00 37.99 ? 4   DG  A "C1'" 1 
ATOM   70  N N9    . DG  A 1 4  ? 2.723   -7.068  -5.301  1.00 32.02 ? 4   DG  A N9    1 
ATOM   71  C C8    . DG  A 1 4  ? 2.647   -7.683  -4.073  1.00 31.73 ? 4   DG  A C8    1 
ATOM   72  N N7    . DG  A 1 4  ? 1.436   -7.704  -3.585  1.00 30.15 ? 4   DG  A N7    1 
ATOM   73  C C5    . DG  A 1 4  ? 0.671   -7.051  -4.541  1.00 29.66 ? 4   DG  A C5    1 
ATOM   74  C C6    . DG  A 1 4  ? -0.720  -6.745  -4.559  1.00 29.48 ? 4   DG  A C6    1 
ATOM   75  O O6    . DG  A 1 4  ? -1.589  -7.036  -3.720  1.00 29.03 ? 4   DG  A O6    1 
ATOM   76  N N1    . DG  A 1 4  ? -1.074  -6.047  -5.709  1.00 25.49 ? 4   DG  A N1    1 
ATOM   77  C C2    . DG  A 1 4  ? -0.209  -5.689  -6.711  1.00 27.75 ? 4   DG  A C2    1 
ATOM   78  N N2    . DG  A 1 4  ? -0.739  -5.022  -7.742  1.00 26.00 ? 4   DG  A N2    1 
ATOM   79  N N3    . DG  A 1 4  ? 1.085   -5.972  -6.710  1.00 30.82 ? 4   DG  A N3    1 
ATOM   80  C C4    . DG  A 1 4  ? 1.451   -6.651  -5.604  1.00 29.39 ? 4   DG  A C4    1 
ATOM   81  P P     . DA  A 1 5  ? 7.479   -4.981  -7.170  1.00 46.92 ? 5   DA  A P     1 
ATOM   82  O OP1   . DA  A 1 5  ? 8.594   -4.921  -8.154  1.00 49.44 ? 5   DA  A OP1   1 
ATOM   83  O OP2   . DA  A 1 5  ? 7.730   -4.876  -5.702  1.00 44.20 ? 5   DA  A OP2   1 
ATOM   84  O "O5'" . DA  A 1 5  ? 6.473   -3.846  -7.628  1.00 44.53 ? 5   DA  A "O5'" 1 
ATOM   85  C "C5'" . DA  A 1 5  ? 5.823   -3.966  -8.896  1.00 44.86 ? 5   DA  A "C5'" 1 
ATOM   86  C "C4'" . DA  A 1 5  ? 4.781   -2.884  -9.017  1.00 43.40 ? 5   DA  A "C4'" 1 
ATOM   87  O "O4'" . DA  A 1 5  ? 3.646   -3.162  -8.153  1.00 40.28 ? 5   DA  A "O4'" 1 
ATOM   88  C "C3'" . DA  A 1 5  ? 5.292   -1.500  -8.624  1.00 41.45 ? 5   DA  A "C3'" 1 
ATOM   89  O "O3'" . DA  A 1 5  ? 4.801   -0.654  -9.664  1.00 45.58 ? 5   DA  A "O3'" 1 
ATOM   90  C "C2'" . DA  A 1 5  ? 4.752   -1.306  -7.213  1.00 39.73 ? 5   DA  A "C2'" 1 
ATOM   91  C "C1'" . DA  A 1 5  ? 3.452   -2.108  -7.226  1.00 37.03 ? 5   DA  A "C1'" 1 
ATOM   92  N N9    . DA  A 1 5  ? 3.034   -2.710  -5.960  1.00 33.76 ? 5   DA  A N9    1 
ATOM   93  C C8    . DA  A 1 5  ? 3.786   -3.387  -5.031  1.00 33.01 ? 5   DA  A C8    1 
ATOM   94  N N7    . DA  A 1 5  ? 3.091   -3.835  -4.013  1.00 29.32 ? 5   DA  A N7    1 
ATOM   95  C C5    . DA  A 1 5  ? 1.790   -3.448  -4.302  1.00 28.86 ? 5   DA  A C5    1 
ATOM   96  C C6    . DA  A 1 5  ? 0.575   -3.619  -3.615  1.00 29.12 ? 5   DA  A C6    1 
ATOM   97  N N6    . DA  A 1 5  ? 0.465   -4.258  -2.448  1.00 30.64 ? 5   DA  A N6    1 
ATOM   98  N N1    . DA  A 1 5  ? -0.536  -3.080  -4.159  1.00 29.59 ? 5   DA  A N1    1 
ATOM   99  C C2    . DA  A 1 5  ? -0.430  -2.430  -5.326  1.00 33.40 ? 5   DA  A C2    1 
ATOM   100 N N3    . DA  A 1 5  ? 0.653   -2.207  -6.070  1.00 33.42 ? 5   DA  A N3    1 
ATOM   101 C C4    . DA  A 1 5  ? 1.742   -2.748  -5.495  1.00 31.78 ? 5   DA  A C4    1 
ATOM   102 P P     . DA  A 1 6  ? 5.158   0.893   -9.710  1.00 46.24 ? 6   DA  A P     1 
ATOM   103 O OP1   . DA  A 1 6  ? 5.140   1.311   -11.143 1.00 38.46 ? 6   DA  A OP1   1 
ATOM   104 O OP2   . DA  A 1 6  ? 6.366   1.112   -8.863  1.00 40.63 ? 6   DA  A OP2   1 
ATOM   105 O "O5'" . DA  A 1 6  ? 3.888   1.535   -8.994  1.00 43.09 ? 6   DA  A "O5'" 1 
ATOM   106 C "C5'" . DA  A 1 6  ? 2.559   1.208   -9.444  1.00 39.84 ? 6   DA  A "C5'" 1 
ATOM   107 C "C4'" . DA  A 1 6  ? 1.552   1.852   -8.525  1.00 37.60 ? 6   DA  A "C4'" 1 
ATOM   108 O "O4'" . DA  A 1 6  ? 1.423   1.049   -7.329  1.00 34.87 ? 6   DA  A "O4'" 1 
ATOM   109 C "C3'" . DA  A 1 6  ? 1.936   3.262   -8.062  1.00 36.48 ? 6   DA  A "C3'" 1 
ATOM   110 O "O3'" . DA  A 1 6  ? 0.846   4.090   -8.448  1.00 37.31 ? 6   DA  A "O3'" 1 
ATOM   111 C "C2'" . DA  A 1 6  ? 2.160   3.123   -6.560  1.00 35.48 ? 6   DA  A "C2'" 1 
ATOM   112 C "C1'" . DA  A 1 6  ? 1.357   1.887   -6.192  1.00 32.53 ? 6   DA  A "C1'" 1 
ATOM   113 N N9    . DA  A 1 6  ? 1.824   1.103   -5.048  1.00 28.21 ? 6   DA  A N9    1 
ATOM   114 C C8    . DA  A 1 6  ? 3.095   0.694   -4.742  1.00 26.48 ? 6   DA  A C8    1 
ATOM   115 N N7    . DA  A 1 6  ? 3.170   -0.016  -3.642  1.00 27.55 ? 6   DA  A N7    1 
ATOM   116 C C5    . DA  A 1 6  ? 1.853   -0.128  -3.228  1.00 25.72 ? 6   DA  A C5    1 
ATOM   117 C C6    . DA  A 1 6  ? 1.255   -0.773  -2.132  1.00 27.38 ? 6   DA  A C6    1 
ATOM   118 N N6    . DA  A 1 6  ? 1.929   -1.481  -1.228  1.00 26.00 ? 6   DA  A N6    1 
ATOM   119 N N1    . DA  A 1 6  ? -0.084  -0.664  -1.994  1.00 26.97 ? 6   DA  A N1    1 
ATOM   120 C C2    . DA  A 1 6  ? -0.763  0.058   -2.889  1.00 23.52 ? 6   DA  A C2    1 
ATOM   121 N N3    . DA  A 1 6  ? -0.320  0.682   -3.972  1.00 25.86 ? 6   DA  A N3    1 
ATOM   122 C C4    . DA  A 1 6  ? 1.013   0.559   -4.082  1.00 26.90 ? 6   DA  A C4    1 
ATOM   123 P P     . DT  A 1 7  ? 0.848   5.617   -8.131  1.00 34.33 ? 7   DT  A P     1 
ATOM   124 O OP1   . DT  A 1 7  ? -0.032  6.277   -9.091  1.00 35.34 ? 7   DT  A OP1   1 
ATOM   125 O OP2   . DT  A 1 7  ? 2.252   6.049   -7.900  1.00 32.96 ? 7   DT  A OP2   1 
ATOM   126 O "O5'" . DT  A 1 7  ? -0.007  5.685   -6.802  1.00 35.12 ? 7   DT  A "O5'" 1 
ATOM   127 C "C5'" . DT  A 1 7  ? -1.304  5.075   -6.772  1.00 33.11 ? 7   DT  A "C5'" 1 
ATOM   128 C "C4'" . DT  A 1 7  ? -1.768  5.003   -5.338  1.00 29.27 ? 7   DT  A "C4'" 1 
ATOM   129 O "O4'" . DT  A 1 7  ? -0.937  4.092   -4.600  1.00 27.35 ? 7   DT  A "O4'" 1 
ATOM   130 C "C3'" . DT  A 1 7  ? -1.694  6.329   -4.584  1.00 27.57 ? 7   DT  A "C3'" 1 
ATOM   131 O "O3'" . DT  A 1 7  ? -3.022  6.781   -4.345  1.00 28.14 ? 7   DT  A "O3'" 1 
ATOM   132 C "C2'" . DT  A 1 7  ? -0.928  6.001   -3.312  1.00 26.75 ? 7   DT  A "C2'" 1 
ATOM   133 C "C1'" . DT  A 1 7  ? -0.983  4.495   -3.260  1.00 26.42 ? 7   DT  A "C1'" 1 
ATOM   134 N N1    . DT  A 1 7  ? 0.145   3.877   -2.572  1.00 28.30 ? 7   DT  A N1    1 
ATOM   135 C C2    . DT  A 1 7  ? -0.095  3.131   -1.439  1.00 33.08 ? 7   DT  A C2    1 
ATOM   136 O O2    . DT  A 1 7  ? -1.211  2.973   -0.968  1.00 36.38 ? 7   DT  A O2    1 
ATOM   137 N N3    . DT  A 1 7  ? 1.032   2.607   -0.850  1.00 33.22 ? 7   DT  A N3    1 
ATOM   138 C C4    . DT  A 1 7  ? 2.334   2.729   -1.292  1.00 33.09 ? 7   DT  A C4    1 
ATOM   139 O O4    . DT  A 1 7  ? 3.242   2.184   -0.671  1.00 41.35 ? 7   DT  A O4    1 
ATOM   140 C C5    . DT  A 1 7  ? 2.509   3.523   -2.487  1.00 31.15 ? 7   DT  A C5    1 
ATOM   141 C C7    . DT  A 1 7  ? 3.887   3.718   -3.037  1.00 30.78 ? 7   DT  A C7    1 
ATOM   142 C C6    . DT  A 1 7  ? 1.422   4.056   -3.053  1.00 28.02 ? 7   DT  A C6    1 
ATOM   143 P P     . DT  A 1 8  ? -3.258  8.165   -3.642  1.00 30.48 ? 8   DT  A P     1 
ATOM   144 O OP1   . DT  A 1 8  ? -4.603  8.674   -4.072  1.00 33.25 ? 8   DT  A OP1   1 
ATOM   145 O OP2   . DT  A 1 8  ? -2.031  8.977   -3.785  1.00 25.99 ? 8   DT  A OP2   1 
ATOM   146 O "O5'" . DT  A 1 8  ? -3.401  7.785   -2.104  1.00 28.63 ? 8   DT  A "O5'" 1 
ATOM   147 C "C5'" . DT  A 1 8  ? -4.406  6.821   -1.740  1.00 29.37 ? 8   DT  A "C5'" 1 
ATOM   148 C "C4'" . DT  A 1 8  ? -4.296  6.501   -0.269  1.00 29.81 ? 8   DT  A "C4'" 1 
ATOM   149 O "O4'" . DT  A 1 8  ? -3.055  5.801   -0.003  1.00 27.90 ? 8   DT  A "O4'" 1 
ATOM   150 C "C3'" . DT  A 1 8  ? -4.304  7.738   0.633   1.00 30.69 ? 8   DT  A "C3'" 1 
ATOM   151 O "O3'" . DT  A 1 8  ? -5.386  7.614   1.551   1.00 35.40 ? 8   DT  A "O3'" 1 
ATOM   152 C "C2'" . DT  A 1 8  ? -2.938  7.739   1.295   1.00 29.29 ? 8   DT  A "C2'" 1 
ATOM   153 C "C1'" . DT  A 1 8  ? -2.481  6.302   1.185   1.00 28.86 ? 8   DT  A "C1'" 1 
ATOM   154 N N1    . DT  A 1 8  ? -1.022  6.074   1.103   1.00 28.14 ? 8   DT  A N1    1 
ATOM   155 C C2    . DT  A 1 8  ? -0.485  5.123   1.942   1.00 29.61 ? 8   DT  A C2    1 
ATOM   156 O O2    . DT  A 1 8  ? -1.146  4.512   2.764   1.00 34.92 ? 8   DT  A O2    1 
ATOM   157 N N3    . DT  A 1 8  ? 0.865   4.918   1.785   1.00 27.82 ? 8   DT  A N3    1 
ATOM   158 C C4    . DT  A 1 8  ? 1.707   5.553   0.896   1.00 26.21 ? 8   DT  A C4    1 
ATOM   159 O O4    . DT  A 1 8  ? 2.892   5.254   0.857   1.00 27.16 ? 8   DT  A O4    1 
ATOM   160 C C5    . DT  A 1 8  ? 1.077   6.538   0.044   1.00 27.96 ? 8   DT  A C5    1 
ATOM   161 C C7    . DT  A 1 8  ? 1.909   7.256   -0.971  1.00 26.34 ? 8   DT  A C7    1 
ATOM   162 C C6    . DT  A 1 8  ? -0.243  6.737   0.180   1.00 26.89 ? 8   DT  A C6    1 
ATOM   163 P P     . DC  A 1 9  ? -5.710  8.778   2.585   1.00 39.11 ? 9   DC  A P     1 
ATOM   164 O OP1   . DC  A 1 9  ? -7.178  8.921   2.610   1.00 41.22 ? 9   DC  A OP1   1 
ATOM   165 O OP2   . DC  A 1 9  ? -4.833  9.935   2.300   1.00 35.86 ? 9   DC  A OP2   1 
ATOM   166 O "O5'" . DC  A 1 9  ? -5.181  8.157   3.949   1.00 44.49 ? 9   DC  A "O5'" 1 
ATOM   167 C "C5'" . DC  A 1 9  ? -5.442  6.771   4.256   1.00 48.11 ? 9   DC  A "C5'" 1 
ATOM   168 C "C4'" . DC  A 1 9  ? -4.816  6.432   5.586   1.00 51.24 ? 9   DC  A "C4'" 1 
ATOM   169 O "O4'" . DC  A 1 9  ? -3.419  6.108   5.378   1.00 50.72 ? 9   DC  A "O4'" 1 
ATOM   170 C "C3'" . DC  A 1 9  ? -4.862  7.599   6.569   1.00 51.87 ? 9   DC  A "C3'" 1 
ATOM   171 O "O3'" . DC  A 1 9  ? -5.656  7.280   7.719   1.00 52.32 ? 9   DC  A "O3'" 1 
ATOM   172 C "C2'" . DC  A 1 9  ? -3.401  7.980   6.796   1.00 49.99 ? 9   DC  A "C2'" 1 
ATOM   173 C "C1'" . DC  A 1 9  ? -2.583  6.817   6.266   1.00 46.58 ? 9   DC  A "C1'" 1 
ATOM   174 N N1    . DC  A 1 9  ? -1.354  7.172   5.529   1.00 45.50 ? 9   DC  A N1    1 
ATOM   175 C C2    . DC  A 1 9  ? -0.157  6.516   5.845   1.00 44.80 ? 9   DC  A C2    1 
ATOM   176 O O2    . DC  A 1 9  ? -0.154  5.675   6.757   1.00 41.05 ? 9   DC  A O2    1 
ATOM   177 N N3    . DC  A 1 9  ? 0.967   6.820   5.154   1.00 38.60 ? 9   DC  A N3    1 
ATOM   178 C C4    . DC  A 1 9  ? 0.923   7.722   4.171   1.00 39.75 ? 9   DC  A C4    1 
ATOM   179 N N4    . DC  A 1 9  ? 2.057   7.986   3.514   1.00 39.66 ? 9   DC  A N4    1 
ATOM   180 C C5    . DC  A 1 9  ? -0.281  8.404   3.827   1.00 39.95 ? 9   DC  A C5    1 
ATOM   181 C C6    . DC  A 1 9  ? -1.388  8.091   4.516   1.00 45.34 ? 9   DC  A C6    1 
ATOM   182 P P     . DA  A 1 10 ? -6.004  8.450   8.760   1.00 55.76 ? 10  DA  A P     1 
ATOM   183 O OP1   . DA  A 1 10 ? -7.465  8.439   8.986   1.00 52.74 ? 10  DA  A OP1   1 
ATOM   184 O OP2   . DA  A 1 10 ? -5.345  9.715   8.298   1.00 45.82 ? 10  DA  A OP2   1 
ATOM   185 O "O5'" . DA  A 1 10 ? -5.201  7.992   10.056  1.00 48.97 ? 10  DA  A "O5'" 1 
ATOM   186 C "C5'" . DA  A 1 10 ? -4.543  6.712   10.132  1.00 47.68 ? 10  DA  A "C5'" 1 
ATOM   187 C "C4'" . DA  A 1 10 ? -3.303  6.836   10.983  1.00 48.66 ? 10  DA  A "C4'" 1 
ATOM   188 O "O4'" . DA  A 1 10 ? -2.139  7.058   10.147  1.00 47.53 ? 10  DA  A "O4'" 1 
ATOM   189 C "C3'" . DA  A 1 10 ? -3.319  7.998   11.977  1.00 50.07 ? 10  DA  A "C3'" 1 
ATOM   190 O "O3'" . DA  A 1 10 ? -2.556  7.561   13.088  1.00 54.38 ? 10  DA  A "O3'" 1 
ATOM   191 C "C2'" . DA  A 1 10 ? -2.547  9.088   11.255  1.00 49.77 ? 10  DA  A "C2'" 1 
ATOM   192 C "C1'" . DA  A 1 10 ? -1.484  8.258   10.560  1.00 48.88 ? 10  DA  A "C1'" 1 
ATOM   193 N N9    . DA  A 1 10 ? -0.844  8.866   9.391   1.00 47.41 ? 10  DA  A N9    1 
ATOM   194 C C8    . DA  A 1 10 ? -1.332  9.836   8.550   1.00 45.35 ? 10  DA  A C8    1 
ATOM   195 N N7    . DA  A 1 10 ? -0.496  10.186  7.603   1.00 44.04 ? 10  DA  A N7    1 
ATOM   196 C C5    . DA  A 1 10 ? 0.621   9.394   7.834   1.00 43.93 ? 10  DA  A C5    1 
ATOM   197 C C6    . DA  A 1 10 ? 1.856   9.281   7.170   1.00 37.96 ? 10  DA  A C6    1 
ATOM   198 N N6    . DA  A 1 10 ? 2.182   9.997   6.092   1.00 35.70 ? 10  DA  A N6    1 
ATOM   199 N N1    . DA  A 1 10 ? 2.756   8.398   7.662   1.00 39.42 ? 10  DA  A N1    1 
ATOM   200 C C2    . DA  A 1 10 ? 2.427   7.679   8.744   1.00 38.71 ? 10  DA  A C2    1 
ATOM   201 N N3    . DA  A 1 10 ? 1.295   7.691   9.451   1.00 43.42 ? 10  DA  A N3    1 
ATOM   202 C C4    . DA  A 1 10 ? 0.425   8.581   8.938   1.00 45.15 ? 10  DA  A C4    1 
ATOM   203 P P     . DC  A 1 11 ? -2.992  7.884   14.567  1.00 55.92 ? 11  DC  A P     1 
ATOM   204 O OP1   . DC  A 1 11 ? -4.296  7.232   14.820  1.00 60.41 ? 11  DC  A OP1   1 
ATOM   205 O OP2   . DC  A 1 11 ? -2.837  9.347   14.780  1.00 52.84 ? 11  DC  A OP2   1 
ATOM   206 O "O5'" . DC  A 1 11 ? -1.922  7.032   15.380  1.00 54.59 ? 11  DC  A "O5'" 1 
ATOM   207 C "C5'" . DC  A 1 11 ? -1.562  5.709   14.914  1.00 58.84 ? 11  DC  A "C5'" 1 
ATOM   208 C "C4'" . DC  A 1 11 ? -0.057  5.545   14.842  1.00 55.83 ? 11  DC  A "C4'" 1 
ATOM   209 O "O4'" . DC  A 1 11 ? 0.529   6.303   13.754  1.00 53.16 ? 11  DC  A "O4'" 1 
ATOM   210 C "C3'" . DC  A 1 11 ? 0.666   5.999   16.105  1.00 55.66 ? 11  DC  A "C3'" 1 
ATOM   211 O "O3'" . DC  A 1 11 ? 1.632   5.017   16.441  1.00 52.13 ? 11  DC  A "O3'" 1 
ATOM   212 C "C2'" . DC  A 1 11 ? 1.284   7.330   15.717  1.00 54.76 ? 11  DC  A "C2'" 1 
ATOM   213 C "C1'" . DC  A 1 11 ? 1.594   7.106   14.248  1.00 51.02 ? 11  DC  A "C1'" 1 
ATOM   214 N N1    . DC  A 1 11 ? 1.654   8.323   13.424  1.00 46.93 ? 11  DC  A N1    1 
ATOM   215 C C2    . DC  A 1 11 ? 2.730   8.504   12.541  1.00 44.25 ? 11  DC  A C2    1 
ATOM   216 O O2    . DC  A 1 11 ? 3.623   7.643   12.495  1.00 45.18 ? 11  DC  A O2    1 
ATOM   217 N N3    . DC  A 1 11 ? 2.764   9.607   11.758  1.00 38.90 ? 11  DC  A N3    1 
ATOM   218 C C4    . DC  A 1 11 ? 1.775   10.503  11.825  1.00 41.73 ? 11  DC  A C4    1 
ATOM   219 N N4    . DC  A 1 11 ? 1.852   11.580  11.040  1.00 43.41 ? 11  DC  A N4    1 
ATOM   220 C C5    . DC  A 1 11 ? 0.680   10.352  12.725  1.00 45.28 ? 11  DC  A C5    1 
ATOM   221 C C6    . DC  A 1 11 ? 0.651   9.251   13.486  1.00 44.53 ? 11  DC  A C6    1 
ATOM   222 P P     . DG  A 1 12 ? 2.336   5.094   17.840  1.00 59.12 ? 12  DG  A P     1 
ATOM   223 O OP1   . DG  A 1 12 ? 2.683   3.698   18.231  1.00 50.90 ? 12  DG  A OP1   1 
ATOM   224 O OP2   . DG  A 1 12 ? 1.539   5.995   18.742  1.00 46.57 ? 12  DG  A OP2   1 
ATOM   225 O "O5'" . DG  A 1 12 ? 3.657   5.922   17.520  1.00 56.01 ? 12  DG  A "O5'" 1 
ATOM   226 C "C5'" . DG  A 1 12 ? 4.605   5.412   16.577  1.00 51.66 ? 12  DG  A "C5'" 1 
ATOM   227 C "C4'" . DG  A 1 12 ? 5.830   6.291   16.563  1.00 49.66 ? 12  DG  A "C4'" 1 
ATOM   228 O "O4'" . DG  A 1 12 ? 5.580   7.428   15.710  1.00 44.40 ? 12  DG  A "O4'" 1 
ATOM   229 C "C3'" . DG  A 1 12 ? 6.263   6.851   17.922  1.00 46.54 ? 12  DG  A "C3'" 1 
ATOM   230 O "O3'" . DG  A 1 12 ? 7.683   6.742   18.057  1.00 51.63 ? 12  DG  A "O3'" 1 
ATOM   231 C "C2'" . DG  A 1 12 ? 5.830   8.304   17.868  1.00 44.33 ? 12  DG  A "C2'" 1 
ATOM   232 C "C1'" . DG  A 1 12 ? 5.917   8.625   16.384  1.00 41.30 ? 12  DG  A "C1'" 1 
ATOM   233 N N9    . DG  A 1 12 ? 5.013   9.660   15.901  1.00 39.32 ? 12  DG  A N9    1 
ATOM   234 C C8    . DG  A 1 12 ? 3.760   9.960   16.379  1.00 40.33 ? 12  DG  A C8    1 
ATOM   235 N N7    . DG  A 1 12 ? 3.180   10.925  15.724  1.00 40.34 ? 12  DG  A N7    1 
ATOM   236 C C5    . DG  A 1 12 ? 4.086   11.253  14.724  1.00 38.76 ? 12  DG  A C5    1 
ATOM   237 C C6    . DG  A 1 12 ? 4.007   12.232  13.699  1.00 38.84 ? 12  DG  A C6    1 
ATOM   238 O O6    . DG  A 1 12 ? 3.097   13.036  13.471  1.00 41.62 ? 12  DG  A O6    1 
ATOM   239 N N1    . DG  A 1 12 ? 5.156   12.247  12.915  1.00 35.40 ? 12  DG  A N1    1 
ATOM   240 C C2    . DG  A 1 12 ? 6.248   11.434  13.099  1.00 35.17 ? 12  DG  A C2    1 
ATOM   241 N N2    . DG  A 1 12 ? 7.262   11.601  12.237  1.00 34.15 ? 12  DG  A N2    1 
ATOM   242 N N3    . DG  A 1 12 ? 6.333   10.517  14.053  1.00 34.31 ? 12  DG  A N3    1 
ATOM   243 C C4    . DG  A 1 12 ? 5.222   10.481  14.820  1.00 36.84 ? 12  DG  A C4    1 
ATOM   244 O "O5'" . DC  B 1 1  ? 8.609   20.204  8.120   1.00 69.56 ? 13  DC  B "O5'" 1 
ATOM   245 C "C5'" . DC  B 1 1  ? 7.829   19.134  7.552   1.00 65.84 ? 13  DC  B "C5'" 1 
ATOM   246 C "C4'" . DC  B 1 1  ? 8.582   17.827  7.669   1.00 61.43 ? 13  DC  B "C4'" 1 
ATOM   247 O "O4'" . DC  B 1 1  ? 8.063   17.056  8.783   1.00 57.73 ? 13  DC  B "O4'" 1 
ATOM   248 C "C3'" . DC  B 1 1  ? 8.471   16.909  6.454   1.00 57.11 ? 13  DC  B "C3'" 1 
ATOM   249 O "O3'" . DC  B 1 1  ? 9.674   16.167  6.319   1.00 60.00 ? 13  DC  B "O3'" 1 
ATOM   250 C "C2'" . DC  B 1 1  ? 7.339   15.976  6.828   1.00 53.81 ? 13  DC  B "C2'" 1 
ATOM   251 C "C1'" . DC  B 1 1  ? 7.553   15.811  8.323   1.00 50.07 ? 13  DC  B "C1'" 1 
ATOM   252 N N1    . DC  B 1 1  ? 6.338   15.505  9.103   1.00 45.49 ? 13  DC  B N1    1 
ATOM   253 C C2    . DC  B 1 1  ? 6.368   14.465  10.044  1.00 43.49 ? 13  DC  B C2    1 
ATOM   254 O O2    . DC  B 1 1  ? 7.410   13.810  10.186  1.00 43.76 ? 13  DC  B O2    1 
ATOM   255 N N3    . DC  B 1 1  ? 5.253   14.185  10.755  1.00 45.19 ? 13  DC  B N3    1 
ATOM   256 C C4    . DC  B 1 1  ? 4.142   14.902  10.564  1.00 50.34 ? 13  DC  B C4    1 
ATOM   257 N N4    . DC  B 1 1  ? 3.065   14.594  11.291  1.00 46.87 ? 13  DC  B N4    1 
ATOM   258 C C5    . DC  B 1 1  ? 4.086   15.969  9.618   1.00 48.69 ? 13  DC  B C5    1 
ATOM   259 C C6    . DC  B 1 1  ? 5.195   16.234  8.918   1.00 44.93 ? 13  DC  B C6    1 
ATOM   260 P P     . DG  B 1 2  ? 10.060  15.532  4.915   1.00 67.29 ? 14  DG  B P     1 
ATOM   261 O OP1   . DG  B 1 2  ? 11.040  16.435  4.260   1.00 68.80 ? 14  DG  B OP1   1 
ATOM   262 O OP2   . DG  B 1 2  ? 8.815   15.139  4.203   1.00 61.76 ? 14  DG  B OP2   1 
ATOM   263 O "O5'" . DG  B 1 2  ? 10.749  14.162  5.327   1.00 58.77 ? 14  DG  B "O5'" 1 
ATOM   264 C "C5'" . DG  B 1 2  ? 11.448  13.990  6.561   1.00 51.11 ? 14  DG  B "C5'" 1 
ATOM   265 C "C4'" . DG  B 1 2  ? 11.293  12.555  6.999   1.00 48.05 ? 14  DG  B "C4'" 1 
ATOM   266 O "O4'" . DG  B 1 2  ? 10.039  12.403  7.703   1.00 44.75 ? 14  DG  B "O4'" 1 
ATOM   267 C "C3'" . DG  B 1 2  ? 11.278  11.545  5.846   1.00 44.99 ? 14  DG  B "C3'" 1 
ATOM   268 O "O3'" . DG  B 1 2  ? 12.230  10.525  6.099   1.00 42.21 ? 14  DG  B "O3'" 1 
ATOM   269 C "C2'" . DG  B 1 2  ? 9.859   11.012  5.830   1.00 46.25 ? 14  DG  B "C2'" 1 
ATOM   270 C "C1'" . DG  B 1 2  ? 9.362   11.244  7.243   1.00 43.86 ? 14  DG  B "C1'" 1 
ATOM   271 N N9    . DG  B 1 2  ? 7.930   11.515  7.319   1.00 37.64 ? 14  DG  B N9    1 
ATOM   272 C C8    . DG  B 1 2  ? 7.236   12.397  6.529   1.00 37.05 ? 14  DG  B C8    1 
ATOM   273 N N7    . DG  B 1 2  ? 5.975   12.490  6.850   1.00 35.78 ? 14  DG  B N7    1 
ATOM   274 C C5    . DG  B 1 2  ? 5.822   11.601  7.905   1.00 33.64 ? 14  DG  B C5    1 
ATOM   275 C C6    . DG  B 1 2  ? 4.665   11.246  8.643   1.00 31.05 ? 14  DG  B C6    1 
ATOM   276 O O6    . DG  B 1 2  ? 3.515   11.690  8.531   1.00 30.23 ? 14  DG  B O6    1 
ATOM   277 N N1    . DG  B 1 2  ? 4.948   10.286  9.610   1.00 27.36 ? 14  DG  B N1    1 
ATOM   278 C C2    . DG  B 1 2  ? 6.186   9.747   9.851   1.00 29.25 ? 14  DG  B C2    1 
ATOM   279 N N2    . DG  B 1 2  ? 6.254   8.849   10.843  1.00 29.61 ? 14  DG  B N2    1 
ATOM   280 N N3    . DG  B 1 2  ? 7.274   10.057  9.157   1.00 30.30 ? 14  DG  B N3    1 
ATOM   281 C C4    . DG  B 1 2  ? 7.021   10.993  8.212   1.00 35.11 ? 14  DG  B C4    1 
ATOM   282 P P     . DT  B 1 3  ? 12.403  9.312   5.101   1.00 40.44 ? 15  DT  B P     1 
ATOM   283 O OP1   . DT  B 1 3  ? 13.789  8.789   5.274   1.00 42.00 ? 15  DT  B OP1   1 
ATOM   284 O OP2   . DT  B 1 3  ? 11.837  9.678   3.792   1.00 37.24 ? 15  DT  B OP2   1 
ATOM   285 O "O5'" . DT  B 1 3  ? 11.508  8.174   5.741   1.00 36.94 ? 15  DT  B "O5'" 1 
ATOM   286 C "C5'" . DT  B 1 3  ? 11.864  7.625   7.022   1.00 37.12 ? 15  DT  B "C5'" 1 
ATOM   287 C "C4'" . DT  B 1 3  ? 10.706  6.801   7.522   1.00 38.76 ? 15  DT  B "C4'" 1 
ATOM   288 O "O4'" . DT  B 1 3  ? 9.518   7.619   7.496   1.00 39.81 ? 15  DT  B "O4'" 1 
ATOM   289 C "C3'" . DT  B 1 3  ? 10.395  5.621   6.612   1.00 37.12 ? 15  DT  B "C3'" 1 
ATOM   290 O "O3'" . DT  B 1 3  ? 10.944  4.438   7.153   1.00 35.63 ? 15  DT  B "O3'" 1 
ATOM   291 C "C2'" . DT  B 1 3  ? 8.879   5.532   6.594   1.00 37.58 ? 15  DT  B "C2'" 1 
ATOM   292 C "C1'" . DT  B 1 3  ? 8.396   6.780   7.297   1.00 37.62 ? 15  DT  B "C1'" 1 
ATOM   293 N N1    . DT  B 1 3  ? 7.389   7.549   6.553   1.00 37.37 ? 15  DT  B N1    1 
ATOM   294 C C2    . DT  B 1 3  ? 6.126   7.615   7.087   1.00 32.58 ? 15  DT  B C2    1 
ATOM   295 O O2    . DT  B 1 3  ? 5.806   7.038   8.107   1.00 30.09 ? 15  DT  B O2    1 
ATOM   296 N N3    . DT  B 1 3  ? 5.247   8.391   6.382   1.00 37.69 ? 15  DT  B N3    1 
ATOM   297 C C4    . DT  B 1 3  ? 5.496   9.082   5.213   1.00 40.67 ? 15  DT  B C4    1 
ATOM   298 O O4    . DT  B 1 3  ? 4.591   9.708   4.673   1.00 46.06 ? 15  DT  B O4    1 
ATOM   299 C C5    . DT  B 1 3  ? 6.843   8.969   4.706   1.00 41.66 ? 15  DT  B C5    1 
ATOM   300 C C7    . DT  B 1 3  ? 7.203   9.678   3.437   1.00 48.95 ? 15  DT  B C7    1 
ATOM   301 C C6    . DT  B 1 3  ? 7.711   8.212   5.389   1.00 37.59 ? 15  DT  B C6    1 
ATOM   302 P P     . DG  B 1 4  ? 10.966  3.137   6.279   1.00 35.26 ? 16  DG  B P     1 
ATOM   303 O OP1   . DG  B 1 4  ? 12.172  2.354   6.682   1.00 41.28 ? 16  DG  B OP1   1 
ATOM   304 O OP2   . DG  B 1 4  ? 10.748  3.515   4.868   1.00 35.92 ? 16  DG  B OP2   1 
ATOM   305 O "O5'" . DG  B 1 4  ? 9.766   2.295   6.887   1.00 34.86 ? 16  DG  B "O5'" 1 
ATOM   306 C "C5'" . DG  B 1 4  ? 9.757   2.031   8.296   1.00 34.13 ? 16  DG  B "C5'" 1 
ATOM   307 C "C4'" . DG  B 1 4  ? 8.413   1.492   8.712   1.00 37.65 ? 16  DG  B "C4'" 1 
ATOM   308 O "O4'" . DG  B 1 4  ? 7.380   2.423   8.322   1.00 39.38 ? 16  DG  B "O4'" 1 
ATOM   309 C "C3'" . DG  B 1 4  ? 8.020   0.167   8.065   1.00 39.17 ? 16  DG  B "C3'" 1 
ATOM   310 O "O3'" . DG  B 1 4  ? 7.156   -0.500  8.994   1.00 42.29 ? 16  DG  B "O3'" 1 
ATOM   311 C "C2'" . DG  B 1 4  ? 7.326   0.621   6.795   1.00 38.69 ? 16  DG  B "C2'" 1 
ATOM   312 C "C1'" . DG  B 1 4  ? 6.572   1.840   7.303   1.00 38.11 ? 16  DG  B "C1'" 1 
ATOM   313 N N9    . DG  B 1 4  ? 6.294   2.862   6.301   1.00 35.01 ? 16  DG  B N9    1 
ATOM   314 C C8    . DG  B 1 4  ? 7.039   3.195   5.199   1.00 32.91 ? 16  DG  B C8    1 
ATOM   315 N N7    . DG  B 1 4  ? 6.512   4.160   4.496   1.00 32.10 ? 16  DG  B N7    1 
ATOM   316 C C5    . DG  B 1 4  ? 5.341   4.472   5.169   1.00 31.21 ? 16  DG  B C5    1 
ATOM   317 C C6    . DG  B 1 4  ? 4.325   5.402   4.853   1.00 31.54 ? 16  DG  B C6    1 
ATOM   318 O O6    . DG  B 1 4  ? 4.274   6.191   3.904   1.00 30.43 ? 16  DG  B O6    1 
ATOM   319 N N1    . DG  B 1 4  ? 3.285   5.358   5.778   1.00 30.14 ? 16  DG  B N1    1 
ATOM   320 C C2    . DG  B 1 4  ? 3.242   4.538   6.877   1.00 31.72 ? 16  DG  B C2    1 
ATOM   321 N N2    . DG  B 1 4  ? 2.181   4.668   7.675   1.00 32.22 ? 16  DG  B N2    1 
ATOM   322 N N3    . DG  B 1 4  ? 4.181   3.662   7.179   1.00 34.93 ? 16  DG  B N3    1 
ATOM   323 C C4    . DG  B 1 4  ? 5.190   3.676   6.282   1.00 32.91 ? 16  DG  B C4    1 
ATOM   324 P P     . DA  B 1 5  ? 6.409   -1.840  8.588   1.00 44.48 ? 17  DA  B P     1 
ATOM   325 O OP1   . DA  B 1 5  ? 6.515   -2.790  9.723   1.00 40.95 ? 17  DA  B OP1   1 
ATOM   326 O OP2   . DA  B 1 5  ? 6.890   -2.247  7.231   1.00 40.93 ? 17  DA  B OP2   1 
ATOM   327 O "O5'" . DA  B 1 5  ? 4.894   -1.375  8.586   1.00 40.80 ? 17  DA  B "O5'" 1 
ATOM   328 C "C5'" . DA  B 1 5  ? 4.412   -0.597  9.693   1.00 44.12 ? 17  DA  B "C5'" 1 
ATOM   329 C "C4'" . DA  B 1 5  ? 2.914   -0.430  9.610   1.00 44.32 ? 17  DA  B "C4'" 1 
ATOM   330 O "O4'" . DA  B 1 5  ? 2.577   0.518   8.572   1.00 44.89 ? 17  DA  B "O4'" 1 
ATOM   331 C "C3'" . DA  B 1 5  ? 2.185   -1.706  9.223   1.00 46.49 ? 17  DA  B "C3'" 1 
ATOM   332 O "O3'" . DA  B 1 5  ? 0.840   -1.567  9.687   1.00 52.11 ? 17  DA  B "O3'" 1 
ATOM   333 C "C2'" . DA  B 1 5  ? 2.246   -1.668  7.709   1.00 46.15 ? 17  DA  B "C2'" 1 
ATOM   334 C "C1'" . DA  B 1 5  ? 2.041   -0.178  7.441   1.00 43.46 ? 17  DA  B "C1'" 1 
ATOM   335 N N9    . DA  B 1 5  ? 2.686   0.351   6.238   1.00 36.48 ? 17  DA  B N9    1 
ATOM   336 C C8    . DA  B 1 5  ? 3.900   0.015   5.693   1.00 32.48 ? 17  DA  B C8    1 
ATOM   337 N N7    . DA  B 1 5  ? 4.205   0.705   4.622   1.00 32.15 ? 17  DA  B N7    1 
ATOM   338 C C5    . DA  B 1 5  ? 3.118   1.551   4.450   1.00 29.52 ? 17  DA  B C5    1 
ATOM   339 C C6    . DA  B 1 5  ? 2.832   2.542   3.496   1.00 28.11 ? 17  DA  B C6    1 
ATOM   340 N N6    . DA  B 1 5  ? 3.642   2.844   2.480   1.00 28.10 ? 17  DA  B N6    1 
ATOM   341 N N1    . DA  B 1 5  ? 1.659   3.204   3.608   1.00 29.97 ? 17  DA  B N1    1 
ATOM   342 C C2    . DA  B 1 5  ? 0.839   2.889   4.623   1.00 30.40 ? 17  DA  B C2    1 
ATOM   343 N N3    . DA  B 1 5  ? 1.013   1.999   5.598   1.00 29.93 ? 17  DA  B N3    1 
ATOM   344 C C4    . DA  B 1 5  ? 2.180   1.350   5.444   1.00 30.19 ? 17  DA  B C4    1 
ATOM   345 P P     . DA  B 1 6  ? -0.116  -2.838  9.726   1.00 53.46 ? 18  DA  B P     1 
ATOM   346 O OP1   . DA  B 1 6  ? -0.402  -3.101  11.146  1.00 49.85 ? 18  DA  B OP1   1 
ATOM   347 O OP2   . DA  B 1 6  ? 0.486   -3.908  8.867   1.00 43.82 ? 18  DA  B OP2   1 
ATOM   348 O "O5'" . DA  B 1 6  ? -1.415  -2.338  8.957   1.00 45.39 ? 18  DA  B "O5'" 1 
ATOM   349 C "C5'" . DA  B 1 6  ? -1.938  -1.013  9.117   1.00 46.62 ? 18  DA  B "C5'" 1 
ATOM   350 C "C4'" . DA  B 1 6  ? -2.742  -0.633  7.895   1.00 43.93 ? 18  DA  B "C4'" 1 
ATOM   351 O "O4'" . DA  B 1 6  ? -1.857  -0.182  6.843   1.00 43.45 ? 18  DA  B "O4'" 1 
ATOM   352 C "C3'" . DA  B 1 6  ? -3.582  -1.767  7.303   1.00 44.74 ? 18  DA  B "C3'" 1 
ATOM   353 O "O3'" . DA  B 1 6  ? -4.947  -1.348  7.336   1.00 49.72 ? 18  DA  B "O3'" 1 
ATOM   354 C "C2'" . DA  B 1 6  ? -2.988  -2.011  5.918   1.00 44.67 ? 18  DA  B "C2'" 1 
ATOM   355 C "C1'" . DA  B 1 6  ? -2.258  -0.719  5.590   1.00 40.68 ? 18  DA  B "C1'" 1 
ATOM   356 N N9    . DA  B 1 6  ? -1.055  -0.856  4.756   1.00 33.61 ? 18  DA  B N9    1 
ATOM   357 C C8    . DA  B 1 6  ? -0.001  -1.720  4.931   1.00 33.50 ? 18  DA  B C8    1 
ATOM   358 N N7    . DA  B 1 6  ? 0.945   -1.591  4.029   1.00 31.31 ? 18  DA  B N7    1 
ATOM   359 C C5    . DA  B 1 6  ? 0.486   -0.570  3.209   1.00 28.72 ? 18  DA  B C5    1 
ATOM   360 C C6    . DA  B 1 6  ? 1.039   0.055   2.075   1.00 30.83 ? 18  DA  B C6    1 
ATOM   361 N N6    . DA  B 1 6  ? 2.222   -0.275  1.546   1.00 30.68 ? 18  DA  B N6    1 
ATOM   362 N N1    . DA  B 1 6  ? 0.318   1.035   1.484   1.00 29.40 ? 18  DA  B N1    1 
ATOM   363 C C2    . DA  B 1 6  ? -0.847  1.396   2.040   1.00 30.40 ? 18  DA  B C2    1 
ATOM   364 N N3    . DA  B 1 6  ? -1.466  0.889   3.108   1.00 28.04 ? 18  DA  B N3    1 
ATOM   365 C C4    . DA  B 1 6  ? -0.744  -0.108  3.646   1.00 28.83 ? 18  DA  B C4    1 
ATOM   366 P P     . DT  B 1 7  ? -6.116  -2.284  6.759   1.00 51.84 ? 19  DT  B P     1 
ATOM   367 O OP1   . DT  B 1 7  ? -7.396  -1.818  7.373   1.00 48.35 ? 19  DT  B OP1   1 
ATOM   368 O OP2   . DT  B 1 7  ? -5.659  -3.707  6.823   1.00 43.08 ? 19  DT  B OP2   1 
ATOM   369 O "O5'" . DT  B 1 7  ? -6.237  -1.819  5.246   1.00 46.34 ? 19  DT  B "O5'" 1 
ATOM   370 C "C5'" . DT  B 1 7  ? -6.446  -0.424  4.992   1.00 42.83 ? 19  DT  B "C5'" 1 
ATOM   371 C "C4'" . DT  B 1 7  ? -6.310  -0.151  3.516   1.00 41.17 ? 19  DT  B "C4'" 1 
ATOM   372 O "O4'" . DT  B 1 7  ? -4.943  -0.300  3.079   1.00 36.39 ? 19  DT  B "O4'" 1 
ATOM   373 C "C3'" . DT  B 1 7  ? -7.151  -1.071  2.631   1.00 38.30 ? 19  DT  B "C3'" 1 
ATOM   374 O "O3'" . DT  B 1 7  ? -8.171  -0.210  2.145   1.00 40.47 ? 19  DT  B "O3'" 1 
ATOM   375 C "C2'" . DT  B 1 7  ? -6.174  -1.595  1.586   1.00 37.45 ? 19  DT  B "C2'" 1 
ATOM   376 C "C1'" . DT  B 1 7  ? -4.967  -0.677  1.717   1.00 35.70 ? 19  DT  B "C1'" 1 
ATOM   377 N N1    . DT  B 1 7  ? -3.664  -1.306  1.400   1.00 34.27 ? 19  DT  B N1    1 
ATOM   378 C C2    . DT  B 1 7  ? -2.900  -0.789  0.378   1.00 31.14 ? 19  DT  B C2    1 
ATOM   379 O O2    . DT  B 1 7  ? -3.253  0.155   -0.308  1.00 32.66 ? 19  DT  B O2    1 
ATOM   380 N N3    . DT  B 1 7  ? -1.709  -1.436  0.176   1.00 28.92 ? 19  DT  B N3    1 
ATOM   381 C C4    . DT  B 1 7  ? -1.210  -2.512  0.887   1.00 31.24 ? 19  DT  B C4    1 
ATOM   382 O O4    . DT  B 1 7  ? -0.120  -2.993  0.586   1.00 33.33 ? 19  DT  B O4    1 
ATOM   383 C C5    . DT  B 1 7  ? -2.070  -3.010  1.933   1.00 31.45 ? 19  DT  B C5    1 
ATOM   384 C C7    . DT  B 1 7  ? -1.624  -4.192  2.737   1.00 32.92 ? 19  DT  B C7    1 
ATOM   385 C C6    . DT  B 1 7  ? -3.238  -2.394  2.132   1.00 31.32 ? 19  DT  B C6    1 
ATOM   386 P P     . DT  B 1 8  ? -9.224  -0.718  1.104   1.00 43.52 ? 20  DT  B P     1 
ATOM   387 O OP1   . DT  B 1 8  ? -10.357 0.246   1.097   1.00 43.24 ? 20  DT  B OP1   1 
ATOM   388 O OP2   . DT  B 1 8  ? -9.384  -2.184  1.251   1.00 38.23 ? 20  DT  B OP2   1 
ATOM   389 O "O5'" . DT  B 1 8  ? -8.497  -0.622  -0.293  1.00 42.61 ? 20  DT  B "O5'" 1 
ATOM   390 C "C5'" . DT  B 1 8  ? -8.092  0.623   -0.817  1.00 41.88 ? 20  DT  B "C5'" 1 
ATOM   391 C "C4'" . DT  B 1 8  ? -7.464  0.356   -2.160  1.00 40.49 ? 20  DT  B "C4'" 1 
ATOM   392 O "O4'" . DT  B 1 8  ? -6.227  -0.360  -1.971  1.00 37.29 ? 20  DT  B "O4'" 1 
ATOM   393 C "C3'" . DT  B 1 8  ? -8.318  -0.508  -3.085  1.00 36.09 ? 20  DT  B "C3'" 1 
ATOM   394 O "O3'" . DT  B 1 8  ? -8.597  0.383   -4.156  1.00 38.86 ? 20  DT  B "O3'" 1 
ATOM   395 C "C2'" . DT  B 1 8  ? -7.425  -1.691  -3.437  1.00 36.63 ? 20  DT  B "C2'" 1 
ATOM   396 C "C1'" . DT  B 1 8  ? -6.028  -1.216  -3.067  1.00 35.78 ? 20  DT  B "C1'" 1 
ATOM   397 N N1    . DT  B 1 8  ? -5.058  -2.230  -2.631  1.00 35.39 ? 20  DT  B N1    1 
ATOM   398 C C2    . DT  B 1 8  ? -3.786  -2.229  -3.166  1.00 35.83 ? 20  DT  B C2    1 
ATOM   399 O O2    . DT  B 1 8  ? -3.443  -1.499  -4.085  1.00 33.54 ? 20  DT  B O2    1 
ATOM   400 N N3    . DT  B 1 8  ? -2.939  -3.164  -2.622  1.00 34.86 ? 20  DT  B N3    1 
ATOM   401 C C4    . DT  B 1 8  ? -3.218  -4.044  -1.588  1.00 36.18 ? 20  DT  B C4    1 
ATOM   402 O O4    . DT  B 1 8  ? -2.351  -4.829  -1.197  1.00 38.72 ? 20  DT  B O4    1 
ATOM   403 C C5    . DT  B 1 8  ? -4.554  -3.954  -1.047  1.00 33.84 ? 20  DT  B C5    1 
ATOM   404 C C7    . DT  B 1 8  ? -4.944  -4.855  0.081   1.00 36.46 ? 20  DT  B C7    1 
ATOM   405 C C6    . DT  B 1 8  ? -5.386  -3.051  -1.575  1.00 33.58 ? 20  DT  B C6    1 
ATOM   406 P P     . DC  B 1 9  ? -9.475  -0.078  -5.384  1.00 40.52 ? 21  DC  B P     1 
ATOM   407 O OP1   . DC  B 1 9  ? -10.125 1.143   -5.931  1.00 41.99 ? 21  DC  B OP1   1 
ATOM   408 O OP2   . DC  B 1 9  ? -10.289 -1.232  -4.955  1.00 40.80 ? 21  DC  B OP2   1 
ATOM   409 O "O5'" . DC  B 1 9  ? -8.373  -0.603  -6.412  1.00 36.83 ? 21  DC  B "O5'" 1 
ATOM   410 C "C5'" . DC  B 1 9  ? -7.243  0.236   -6.706  1.00 35.49 ? 21  DC  B "C5'" 1 
ATOM   411 C "C4'" . DC  B 1 9  ? -6.315  -0.420  -7.697  1.00 35.40 ? 21  DC  B "C4'" 1 
ATOM   412 O "O4'" . DC  B 1 9  ? -5.420  -1.314  -7.001  1.00 34.49 ? 21  DC  B "O4'" 1 
ATOM   413 C "C3'" . DC  B 1 9  ? -7.006  -1.240  -8.786  1.00 37.11 ? 21  DC  B "C3'" 1 
ATOM   414 O "O3'" . DC  B 1 9  ? -6.642  -0.688  -10.051 1.00 43.92 ? 21  DC  B "O3'" 1 
ATOM   415 C "C2'" . DC  B 1 9  ? -6.518  -2.665  -8.575  1.00 36.52 ? 21  DC  B "C2'" 1 
ATOM   416 C "C1'" . DC  B 1 9  ? -5.279  -2.535  -7.705  1.00 33.60 ? 21  DC  B "C1'" 1 
ATOM   417 N N1    . DC  B 1 9  ? -5.074  -3.584  -6.694  1.00 31.06 ? 21  DC  B N1    1 
ATOM   418 C C2    . DC  B 1 9  ? -3.813  -4.183  -6.574  1.00 30.94 ? 21  DC  B C2    1 
ATOM   419 O O2    . DC  B 1 9  ? -2.936  -3.908  -7.403  1.00 30.81 ? 21  DC  B O2    1 
ATOM   420 N N3    . DC  B 1 9  ? -3.601  -5.084  -5.589  1.00 30.80 ? 21  DC  B N3    1 
ATOM   421 C C4    . DC  B 1 9  ? -4.573  -5.358  -4.715  1.00 29.06 ? 21  DC  B C4    1 
ATOM   422 N N4    . DC  B 1 9  ? -4.317  -6.240  -3.757  1.00 31.37 ? 21  DC  B N4    1 
ATOM   423 C C5    . DC  B 1 9  ? -5.850  -4.732  -4.788  1.00 30.22 ? 21  DC  B C5    1 
ATOM   424 C C6    . DC  B 1 9  ? -6.055  -3.859  -5.783  1.00 31.00 ? 21  DC  B C6    1 
ATOM   425 P P     . DA  B 1 10 ? -7.392  -1.153  -11.377 1.00 50.48 ? 22  DA  B P     1 
ATOM   426 O OP1   . DA  B 1 10 ? -7.408  -0.004  -12.347 1.00 49.98 ? 22  DA  B OP1   1 
ATOM   427 O OP2   . DA  B 1 10 ? -8.626  -1.896  -11.003 1.00 41.06 ? 22  DA  B OP2   1 
ATOM   428 O "O5'" . DA  B 1 10 ? -6.397  -2.229  -11.980 1.00 50.70 ? 22  DA  B "O5'" 1 
ATOM   429 C "C5'" . DA  B 1 10 ? -5.078  -1.873  -12.383 1.00 48.65 ? 22  DA  B "C5'" 1 
ATOM   430 C "C4'" . DA  B 1 10 ? -4.361  -3.154  -12.730 1.00 49.06 ? 22  DA  B "C4'" 1 
ATOM   431 O "O4'" . DA  B 1 10 ? -4.219  -3.943  -11.527 1.00 45.69 ? 22  DA  B "O4'" 1 
ATOM   432 C "C3'" . DA  B 1 10 ? -5.128  -4.041  -13.708 1.00 46.70 ? 22  DA  B "C3'" 1 
ATOM   433 O "O3'" . DA  B 1 10 ? -4.171  -4.750  -14.467 1.00 50.64 ? 22  DA  B "O3'" 1 
ATOM   434 C "C2'" . DA  B 1 10 ? -5.825  -5.047  -12.813 1.00 44.96 ? 22  DA  B "C2'" 1 
ATOM   435 C "C1'" . DA  B 1 10 ? -4.749  -5.234  -11.768 1.00 43.94 ? 22  DA  B "C1'" 1 
ATOM   436 N N9    . DA  B 1 10 ? -5.169  -5.790  -10.489 1.00 39.73 ? 22  DA  B N9    1 
ATOM   437 C C8    . DA  B 1 10 ? -6.395  -5.739  -9.873  1.00 36.94 ? 22  DA  B C8    1 
ATOM   438 N N7    . DA  B 1 10 ? -6.429  -6.348  -8.715  1.00 35.12 ? 22  DA  B N7    1 
ATOM   439 C C5    . DA  B 1 10 ? -5.145  -6.850  -8.566  1.00 35.52 ? 22  DA  B C5    1 
ATOM   440 C C6    . DA  B 1 10 ? -4.544  -7.608  -7.554  1.00 31.36 ? 22  DA  B C6    1 
ATOM   441 N N6    . DA  B 1 10 ? -5.183  -7.994  -6.452  1.00 33.42 ? 22  DA  B N6    1 
ATOM   442 N N1    . DA  B 1 10 ? -3.246  -7.955  -7.714  1.00 32.22 ? 22  DA  B N1    1 
ATOM   443 C C2    . DA  B 1 10 ? -2.607  -7.565  -8.828  1.00 30.98 ? 22  DA  B C2    1 
ATOM   444 N N3    . DA  B 1 10 ? -3.068  -6.847  -9.851  1.00 33.18 ? 22  DA  B N3    1 
ATOM   445 C C4    . DA  B 1 10 ? -4.358  -6.517  -9.654  1.00 35.82 ? 22  DA  B C4    1 
ATOM   446 P P     . DC  B 1 11 ? -4.364  -4.877  -16.001 1.00 55.57 ? 23  DC  B P     1 
ATOM   447 O OP1   . DC  B 1 11 ? -4.044  -3.552  -16.601 1.00 53.70 ? 23  DC  B OP1   1 
ATOM   448 O OP2   . DC  B 1 11 ? -5.671  -5.555  -16.227 1.00 45.92 ? 23  DC  B OP2   1 
ATOM   449 O "O5'" . DC  B 1 11 ? -3.139  -5.790  -16.435 1.00 55.72 ? 23  DC  B "O5'" 1 
ATOM   450 C "C5'" . DC  B 1 11 ? -1.792  -5.533  -15.972 1.00 53.42 ? 23  DC  B "C5'" 1 
ATOM   451 C "C4'" . DC  B 1 11 ? -1.234  -6.815  -15.400 1.00 50.68 ? 23  DC  B "C4'" 1 
ATOM   452 O "O4'" . DC  B 1 11 ? -1.874  -7.036  -14.126 1.00 45.64 ? 23  DC  B "O4'" 1 
ATOM   453 C "C3'" . DC  B 1 11 ? -1.568  -8.048  -16.242 1.00 47.96 ? 23  DC  B "C3'" 1 
ATOM   454 O "O3'" . DC  B 1 11 ? -0.533  -8.570  -17.090 1.00 51.06 ? 23  DC  B "O3'" 1 
ATOM   455 C "C2'" . DC  B 1 11 ? -1.971  -9.098  -15.223 1.00 47.10 ? 23  DC  B "C2'" 1 
ATOM   456 C "C1'" . DC  B 1 11 ? -1.896  -8.421  -13.870 1.00 42.66 ? 23  DC  B "C1'" 1 
ATOM   457 N N1    . DC  B 1 11 ? -3.066  -8.728  -13.022 1.00 35.95 ? 23  DC  B N1    1 
ATOM   458 C C2    . DC  B 1 11 ? -2.878  -9.486  -11.860 1.00 32.52 ? 23  DC  B C2    1 
ATOM   459 O O2    . DC  B 1 11 ? -1.727  -9.814  -11.540 1.00 33.24 ? 23  DC  B O2    1 
ATOM   460 N N3    . DC  B 1 11 ? -3.949  -9.804  -11.095 1.00 30.02 ? 23  DC  B N3    1 
ATOM   461 C C4    . DC  B 1 11 ? -5.172  -9.422  -11.471 1.00 30.63 ? 23  DC  B C4    1 
ATOM   462 N N4    . DC  B 1 11 ? -6.200  -9.760  -10.692 1.00 27.35 ? 23  DC  B N4    1 
ATOM   463 C C5    . DC  B 1 11 ? -5.397  -8.676  -12.668 1.00 33.29 ? 23  DC  B C5    1 
ATOM   464 C C6    . DC  B 1 11 ? -4.324  -8.351  -13.404 1.00 34.09 ? 23  DC  B C6    1 
ATOM   465 P P     . DG  B 1 12 ? -0.944  -9.654  -18.254 1.00 59.84 ? 24  DG  B P     1 
ATOM   466 O OP1   . DG  B 1 12 ? -0.428  -9.159  -19.554 1.00 58.42 ? 24  DG  B OP1   1 
ATOM   467 O OP2   . DG  B 1 12 ? -2.400  -9.997  -18.126 1.00 52.64 ? 24  DG  B OP2   1 
ATOM   468 O "O5'" . DG  B 1 12 ? -0.163  -10.992 -17.873 1.00 53.36 ? 24  DG  B "O5'" 1 
ATOM   469 C "C5'" . DG  B 1 12 ? 0.812   -11.119 -16.823 1.00 47.08 ? 24  DG  B "C5'" 1 
ATOM   470 C "C4'" . DG  B 1 12 ? 0.577   -12.400 -16.047 1.00 45.45 ? 24  DG  B "C4'" 1 
ATOM   471 O "O4'" . DG  B 1 12 ? -0.196  -12.071 -14.881 1.00 40.60 ? 24  DG  B "O4'" 1 
ATOM   472 C "C3'" . DG  B 1 12 ? -0.221  -13.522 -16.723 1.00 42.50 ? 24  DG  B "C3'" 1 
ATOM   473 O "O3'" . DG  B 1 12 ? 0.524   -14.508 -17.459 1.00 41.00 ? 24  DG  B "O3'" 1 
ATOM   474 C "C2'" . DG  B 1 12 ? -0.786  -14.274 -15.541 1.00 38.96 ? 24  DG  B "C2'" 1 
ATOM   475 C "C1'" . DG  B 1 12 ? -0.919  -13.218 -14.458 1.00 39.79 ? 24  DG  B "C1'" 1 
ATOM   476 N N9    . DG  B 1 12 ? -2.298  -12.823 -14.202 1.00 36.21 ? 24  DG  B N9    1 
ATOM   477 C C8    . DG  B 1 12 ? -3.121  -12.090 -15.021 1.00 37.80 ? 24  DG  B C8    1 
ATOM   478 N N7    . DG  B 1 12 ? -4.315  -11.916 -14.522 1.00 35.44 ? 24  DG  B N7    1 
ATOM   479 C C5    . DG  B 1 12 ? -4.291  -12.612 -13.325 1.00 33.18 ? 24  DG  B C5    1 
ATOM   480 C C6    . DG  B 1 12 ? -5.297  -12.783 -12.341 1.00 34.48 ? 24  DG  B C6    1 
ATOM   481 O O6    . DG  B 1 12 ? -6.456  -12.346 -12.340 1.00 36.29 ? 24  DG  B O6    1 
ATOM   482 N N1    . DG  B 1 12 ? -4.839  -13.538 -11.266 1.00 33.23 ? 24  DG  B N1    1 
ATOM   483 C C2    . DG  B 1 12 ? -3.574  -14.064 -11.153 1.00 30.97 ? 24  DG  B C2    1 
ATOM   484 N N2    . DG  B 1 12 ? -3.324  -14.779 -10.052 1.00 31.12 ? 24  DG  B N2    1 
ATOM   485 N N3    . DG  B 1 12 ? -2.625  -13.902 -12.059 1.00 30.51 ? 24  DG  B N3    1 
ATOM   486 C C4    . DG  B 1 12 ? -3.048  -13.169 -13.108 1.00 32.17 ? 24  DG  B C4    1 
HETATM 487 N N1    . DAP C 2 .  ? -4.368  2.390   -1.992  1.00 39.37 ? 101 DAP A N1    1 
HETATM 488 C C2    . DAP C 2 .  ? -5.361  3.123   -1.353  1.00 36.01 ? 101 DAP A C2    1 
HETATM 489 C C3    . DAP C 2 .  ? -6.114  3.764   -2.305  1.00 41.10 ? 101 DAP A C3    1 
HETATM 490 C C4    . DAP C 2 .  ? -5.849  3.687   -4.926  1.00 41.70 ? 101 DAP A C4    1 
HETATM 491 C C5    . DAP C 2 .  ? -5.116  3.136   -5.971  1.00 44.80 ? 101 DAP A C5    1 
HETATM 492 C C6    . DAP C 2 .  ? -4.040  2.271   -5.728  1.00 42.61 ? 101 DAP A C6    1 
HETATM 493 C C7    . DAP C 2 .  ? -3.722  1.991   -4.385  1.00 38.10 ? 101 DAP A C7    1 
HETATM 494 C C8    . DAP C 2 .  ? -4.480  2.552   -3.338  1.00 40.60 ? 101 DAP A C8    1 
HETATM 495 C C9    . DAP C 2 .  ? -5.556  3.410   -3.600  1.00 41.69 ? 101 DAP A C9    1 
HETATM 496 C C10   . DAP C 2 .  ? -3.269  1.738   -6.875  1.00 45.49 ? 101 DAP A C10   1 
HETATM 497 N N2    . DAP C 2 .  ? -2.437  0.695   -6.689  1.00 44.37 ? 101 DAP A N2    1 
HETATM 498 N N3    . DAP C 2 .  ? -3.309  2.182   -8.059  1.00 48.37 ? 101 DAP A N3    1 
HETATM 499 C "C1'" . DAP C 2 .  ? -5.415  3.159   0.128   1.00 36.39 ? 101 DAP A "C1'" 1 
HETATM 500 C "C2'" . DAP C 2 .  ? -6.564  3.562   0.835   1.00 39.09 ? 101 DAP A "C2'" 1 
HETATM 501 C "C3'" . DAP C 2 .  ? -6.543  3.586   2.238   1.00 41.26 ? 101 DAP A "C3'" 1 
HETATM 502 C "C4'" . DAP C 2 .  ? -5.374  3.219   2.930   1.00 41.83 ? 101 DAP A "C4'" 1 
HETATM 503 C "C5'" . DAP C 2 .  ? -4.268  2.844   2.201   1.00 40.39 ? 101 DAP A "C5'" 1 
HETATM 504 C "C6'" . DAP C 2 .  ? -4.296  2.817   0.841   1.00 38.41 ? 101 DAP A "C6'" 1 
HETATM 505 C C11   . DAP C 2 .  ? -5.289  3.211   4.405   1.00 40.77 ? 101 DAP A C11   1 
HETATM 506 N N4    . DAP C 2 .  ? -4.145  3.100   4.983   1.00 37.11 ? 101 DAP A N4    1 
HETATM 507 N N5    . DAP C 2 .  ? -6.417  3.262   5.135   1.00 44.05 ? 101 DAP A N5    1 
HETATM 508 O O     . HOH D 3 .  ? -7.822  -10.384 -6.812  1.00 19.89 ? 201 HOH A O     1 
HETATM 509 O O     . HOH D 3 .  ? 5.064   -15.505 -1.585  1.00 37.02 ? 202 HOH A O     1 
# 
